data_8F9Q
#
_entry.id   8F9Q
#
_cell.length_a   206.554
_cell.length_b   206.554
_cell.length_c   155.190
_cell.angle_alpha   90.000
_cell.angle_beta   90.000
_cell.angle_gamma   120.000
#
_symmetry.space_group_name_H-M   'P 64'
#
loop_
_entity.id
_entity.type
_entity.pdbx_description
1 polymer 'Sialic acid acetylesterase'
2 branched alpha-D-mannopyranose-(1-3)-beta-D-mannopyranose-(1-4)-2-acetamido-2-deoxy-beta-D-glucopyranose-(1-4)-[alpha-L-fucopyranose-(1-6)]2-acetamido-2-deoxy-beta-D-glucopyranose
3 branched alpha-D-mannopyranose-(1-3)-beta-D-mannopyranose-(1-4)-2-acetamido-2-deoxy-beta-D-glucopyranose-(1-4)-2-acetamido-2-deoxy-beta-D-glucopyranose
4 branched alpha-D-mannopyranose-(1-3)-[alpha-D-mannopyranose-(1-6)]beta-D-mannopyranose-(1-4)-2-acetamido-2-deoxy-beta-D-glucopyranose-(1-4)-2-acetamido-2-deoxy-beta-D-glucopyranose
5 water water
#
_entity_poly.entity_id   1
_entity_poly.type   'polypeptide(L)'
_entity_poly.pdbx_seq_one_letter_code
;DRHHHHHHKLIGFRFASYIDNYMVLQKEPAGAVIWGFGIPGATVTVTLCQGQQAIMKKVTSVKAHTNTWMVVLDPMKPGG
PYEVMAQQSLWSRNFTVQVHDVLFGDVWLCSGQSNMQMTVLQIFNAVRELSDTAAYQSVRLLSVSLTEAEEELQDLNAVD
LQWSKPTKENLGNGDFTYMSAVCWLFGRYLYDTLQYPIGLISSCWGGTPIEAWSSERSLKACGVPTKGSLLSDSVSGPSQ
NSILWNAMIHPLQNMTLKGVLWYQGESNVNYNKDLYNCTFPALIEDWRQTFHSGSQGQTERVFPFGFVQLSSYLSTADDP
PVGVPQIRWHQTADLGFVPNRRMPNTFMAVALDLCDRTSPFGSIHPRDKQTVAYRLHLGARAVAYGEKNLTFQGPLPEKI
ELLSTDGLLNLTYHQSIQVLRQDLQIFEISCCSDRQCKWLPAPMNTFTSQTLTLSIRSCRGTVAAVRYAWTPWPCEYKQC
PLYHPSSALPAPPFLAFITDQASRH
;
_entity_poly.pdbx_strand_id   A,B
#
loop_
_chem_comp.id
_chem_comp.type
_chem_comp.name
_chem_comp.formula
BMA D-saccharide, beta linking beta-D-mannopyranose 'C6 H12 O6'
FUC L-saccharide, alpha linking alpha-L-fucopyranose 'C6 H12 O5'
MAN D-saccharide, alpha linking alpha-D-mannopyranose 'C6 H12 O6'
NAG D-saccharide, beta linking 2-acetamido-2-deoxy-beta-D-glucopyranose 'C8 H15 N O6'
#
# COMPACT_ATOMS: atom_id res chain seq x y z
N HIS A 5 -11.75 22.80 48.46
CA HIS A 5 -12.17 21.44 48.77
C HIS A 5 -12.41 20.60 47.51
N HIS A 6 -12.07 19.31 47.58
CA HIS A 6 -12.26 18.41 46.43
C HIS A 6 -13.74 18.22 46.12
N HIS A 7 -14.58 18.18 47.15
CA HIS A 7 -16.02 17.99 46.96
C HIS A 7 -16.75 19.33 46.91
N HIS A 8 -17.94 19.30 46.33
CA HIS A 8 -18.86 20.40 46.45
C HIS A 8 -19.63 20.26 47.76
N LYS A 9 -20.38 21.31 48.13
CA LYS A 9 -21.27 21.19 49.28
C LYS A 9 -22.45 20.29 48.95
N LEU A 10 -23.03 20.47 47.78
CA LEU A 10 -24.21 19.73 47.35
C LEU A 10 -23.80 18.69 46.33
N ILE A 11 -24.10 17.41 46.60
CA ILE A 11 -23.61 16.31 45.78
C ILE A 11 -24.73 15.58 45.08
N GLY A 12 -25.86 15.35 45.76
CA GLY A 12 -26.87 14.49 45.18
C GLY A 12 -27.74 15.12 44.14
N PHE A 13 -27.65 16.45 43.98
CA PHE A 13 -28.49 17.20 43.05
C PHE A 13 -27.58 18.04 42.16
N ARG A 14 -27.54 17.69 40.88
CA ARG A 14 -26.67 18.38 39.93
C ARG A 14 -27.24 18.19 38.53
N PHE A 15 -26.84 19.09 37.65
CA PHE A 15 -27.20 18.97 36.24
C PHE A 15 -26.41 17.86 35.58
N ALA A 16 -26.89 17.41 34.43
CA ALA A 16 -26.10 16.48 33.63
C ALA A 16 -24.85 17.18 33.10
N SER A 17 -23.85 16.39 32.73
CA SER A 17 -22.53 16.95 32.43
C SER A 17 -22.56 17.98 31.30
N TYR A 18 -23.47 17.83 30.33
CA TYR A 18 -23.45 18.76 29.20
C TYR A 18 -23.99 20.14 29.55
N ILE A 19 -24.57 20.31 30.73
CA ILE A 19 -25.14 21.58 31.15
C ILE A 19 -24.11 22.34 31.97
N ASP A 20 -23.93 23.62 31.67
CA ASP A 20 -23.02 24.44 32.45
C ASP A 20 -23.24 25.89 32.09
N ASN A 21 -22.56 26.77 32.80
CA ASN A 21 -22.64 28.19 32.49
C ASN A 21 -22.13 28.44 31.08
N TYR A 22 -22.72 29.43 30.43
CA TYR A 22 -22.36 29.91 29.10
C TYR A 22 -22.73 28.91 28.00
N MET A 23 -23.52 27.89 28.30
CA MET A 23 -23.81 26.87 27.31
C MET A 23 -24.77 27.43 26.26
N VAL A 24 -25.12 26.56 25.31
CA VAL A 24 -26.11 26.86 24.29
C VAL A 24 -27.11 25.71 24.23
N LEU A 25 -28.39 26.03 24.28
CA LEU A 25 -29.46 25.05 24.17
C LEU A 25 -30.19 25.24 22.85
N GLN A 26 -30.68 24.14 22.30
CA GLN A 26 -31.26 24.17 20.96
C GLN A 26 -32.50 25.05 20.94
N LYS A 27 -32.64 25.84 19.87
CA LYS A 27 -33.69 26.84 19.79
C LYS A 27 -34.98 26.22 19.27
N GLU A 28 -35.99 27.09 19.10
CA GLU A 28 -37.27 26.72 18.49
C GLU A 28 -37.01 26.08 17.13
N PRO A 29 -37.91 25.23 16.64
CA PRO A 29 -39.17 24.78 17.23
C PRO A 29 -39.02 23.61 18.20
N ALA A 30 -37.79 23.24 18.54
CA ALA A 30 -37.58 22.16 19.48
C ALA A 30 -37.55 22.71 20.90
N GLY A 31 -37.73 21.80 21.85
CA GLY A 31 -37.67 22.13 23.27
C GLY A 31 -36.34 21.68 23.84
N ALA A 32 -35.73 22.56 24.63
CA ALA A 32 -34.48 22.23 25.27
C ALA A 32 -34.72 21.16 26.34
N VAL A 33 -33.89 20.12 26.34
CA VAL A 33 -33.97 19.08 27.36
C VAL A 33 -33.06 19.47 28.51
N ILE A 34 -33.58 19.40 29.72
CA ILE A 34 -32.80 19.64 30.93
C ILE A 34 -32.93 18.40 31.79
N TRP A 35 -31.81 17.73 32.05
CA TRP A 35 -31.84 16.56 32.92
C TRP A 35 -30.61 16.55 33.82
N GLY A 36 -30.73 15.82 34.90
CA GLY A 36 -29.68 15.75 35.88
C GLY A 36 -29.93 14.63 36.87
N PHE A 37 -29.23 14.69 38.00
CA PHE A 37 -29.35 13.67 39.03
C PHE A 37 -29.96 14.27 40.28
N GLY A 38 -30.63 13.40 41.05
CA GLY A 38 -31.29 13.83 42.27
C GLY A 38 -31.66 12.66 43.14
N ILE A 39 -32.14 12.98 44.33
CA ILE A 39 -32.49 11.97 45.33
C ILE A 39 -33.86 11.40 45.01
N PRO A 40 -34.07 10.09 45.12
CA PRO A 40 -35.39 9.53 44.88
C PRO A 40 -36.48 10.24 45.67
N GLY A 41 -37.68 10.27 45.09
CA GLY A 41 -38.82 10.87 45.75
C GLY A 41 -38.86 12.38 45.71
N ALA A 42 -37.76 13.03 45.36
CA ALA A 42 -37.76 14.47 45.28
C ALA A 42 -38.60 14.92 44.08
N THR A 43 -39.06 16.17 44.16
CA THR A 43 -39.71 16.79 43.02
C THR A 43 -38.83 17.93 42.54
N VAL A 44 -38.52 17.92 41.25
CA VAL A 44 -37.58 18.88 40.67
C VAL A 44 -38.38 19.90 39.87
N THR A 45 -38.08 21.17 40.10
CA THR A 45 -38.69 22.27 39.38
C THR A 45 -37.60 23.03 38.66
N VAL A 46 -37.66 23.04 37.34
CA VAL A 46 -36.74 23.81 36.50
C VAL A 46 -37.42 25.13 36.15
N THR A 47 -36.71 26.23 36.38
CA THR A 47 -37.22 27.58 36.15
C THR A 47 -36.25 28.31 35.23
N LEU A 48 -36.72 28.64 34.04
CA LEU A 48 -35.97 29.46 33.10
C LEU A 48 -36.29 30.92 33.39
N CYS A 49 -35.25 31.69 33.72
CA CYS A 49 -35.36 33.07 34.13
C CYS A 49 -34.57 33.95 33.17
N GLN A 50 -35.08 35.13 32.93
CA GLN A 50 -34.36 36.20 32.24
C GLN A 50 -34.13 37.24 33.32
N GLY A 51 -32.95 37.23 33.92
CA GLY A 51 -32.71 38.09 35.06
C GLY A 51 -33.68 37.76 36.18
N GLN A 52 -34.43 38.77 36.61
CA GLN A 52 -35.36 38.63 37.73
C GLN A 52 -36.66 37.96 37.35
N GLN A 53 -36.97 37.85 36.06
CA GLN A 53 -38.27 37.39 35.62
C GLN A 53 -38.18 35.93 35.22
N ALA A 54 -39.04 35.11 35.82
CA ALA A 54 -39.13 33.70 35.47
C ALA A 54 -39.99 33.57 34.23
N ILE A 55 -39.44 32.95 33.18
CA ILE A 55 -40.13 32.88 31.90
C ILE A 55 -40.80 31.52 31.72
N MET A 56 -40.28 30.50 32.38
CA MET A 56 -40.81 29.18 32.11
C MET A 56 -40.58 28.27 33.31
N LYS A 57 -41.53 27.40 33.59
CA LYS A 57 -41.38 26.46 34.69
C LYS A 57 -41.85 25.09 34.24
N LYS A 58 -41.08 24.09 34.61
CA LYS A 58 -41.38 22.69 34.33
C LYS A 58 -41.14 21.90 35.61
N VAL A 59 -41.91 20.83 35.80
CA VAL A 59 -41.86 20.07 37.04
C VAL A 59 -41.87 18.58 36.74
N THR A 60 -41.02 17.85 37.48
CA THR A 60 -40.93 16.40 37.35
C THR A 60 -40.62 15.85 38.74
N SER A 61 -40.40 14.53 38.80
CA SER A 61 -40.02 13.88 40.04
C SER A 61 -39.03 12.78 39.73
N VAL A 62 -38.26 12.42 40.74
CA VAL A 62 -37.26 11.36 40.64
C VAL A 62 -37.92 10.05 41.09
N LYS A 63 -38.17 9.16 40.15
CA LYS A 63 -38.94 7.96 40.45
C LYS A 63 -38.20 7.08 41.47
N ALA A 64 -38.93 6.06 41.94
CA ALA A 64 -38.60 5.32 43.15
C ALA A 64 -37.12 4.92 43.24
N HIS A 65 -36.69 3.94 42.46
CA HIS A 65 -35.32 3.45 42.55
C HIS A 65 -34.45 4.00 41.44
N THR A 66 -34.78 5.19 40.94
CA THR A 66 -33.97 5.93 39.99
C THR A 66 -33.28 7.05 40.74
N ASN A 67 -32.25 7.62 40.10
CA ASN A 67 -31.57 8.79 40.65
C ASN A 67 -31.40 9.89 39.61
N THR A 68 -32.25 9.91 38.59
CA THR A 68 -32.18 10.92 37.54
C THR A 68 -33.53 11.62 37.41
N TRP A 69 -33.49 12.80 36.78
CA TRP A 69 -34.69 13.58 36.53
C TRP A 69 -34.53 14.32 35.21
N MET A 70 -35.65 14.59 34.55
CA MET A 70 -35.61 15.28 33.26
C MET A 70 -36.90 16.03 33.01
N VAL A 71 -36.76 17.21 32.41
CA VAL A 71 -37.86 17.99 31.87
C VAL A 71 -37.50 18.36 30.44
N VAL A 72 -38.53 18.75 29.69
CA VAL A 72 -38.37 19.31 28.35
C VAL A 72 -38.92 20.73 28.39
N LEU A 73 -38.07 21.69 28.09
CA LEU A 73 -38.50 23.07 28.06
C LEU A 73 -39.40 23.34 26.85
N ASP A 74 -40.04 24.47 26.90
CA ASP A 74 -40.81 24.93 25.76
C ASP A 74 -39.86 25.53 24.73
N PRO A 75 -40.25 25.53 23.47
CA PRO A 75 -39.38 26.09 22.43
C PRO A 75 -39.10 27.56 22.73
N MET A 76 -37.90 27.99 22.36
CA MET A 76 -37.43 29.32 22.68
C MET A 76 -36.83 29.98 21.44
N LYS A 77 -36.94 31.28 21.41
CA LYS A 77 -36.35 32.02 20.31
C LYS A 77 -34.87 32.22 20.56
N PRO A 78 -34.05 32.15 19.52
CA PRO A 78 -32.60 32.28 19.73
C PRO A 78 -32.28 33.63 20.36
N GLY A 79 -31.34 33.61 21.29
CA GLY A 79 -30.92 34.82 21.97
C GLY A 79 -30.49 34.50 23.39
N GLY A 80 -30.42 35.56 24.19
CA GLY A 80 -30.02 35.44 25.57
C GLY A 80 -29.62 36.77 26.16
N PRO A 81 -28.97 36.73 27.32
CA PRO A 81 -28.65 35.54 28.12
C PRO A 81 -29.86 35.08 28.90
N TYR A 82 -29.77 33.87 29.45
CA TYR A 82 -30.80 33.33 30.32
C TYR A 82 -30.13 32.65 31.48
N GLU A 83 -30.92 32.35 32.49
CA GLU A 83 -30.48 31.60 33.65
C GLU A 83 -31.41 30.41 33.79
N VAL A 84 -30.84 29.25 34.08
CA VAL A 84 -31.60 28.04 34.31
C VAL A 84 -31.42 27.65 35.76
N MET A 85 -32.52 27.50 36.47
CA MET A 85 -32.49 27.03 37.84
C MET A 85 -33.13 25.67 37.93
N ALA A 86 -32.62 24.84 38.83
CA ALA A 86 -33.24 23.58 39.17
C ALA A 86 -33.35 23.54 40.68
N GLN A 87 -34.52 23.18 41.19
CA GLN A 87 -34.74 23.07 42.62
C GLN A 87 -35.28 21.69 42.96
N GLN A 88 -34.60 21.04 43.88
CA GLN A 88 -34.95 19.73 44.41
C GLN A 88 -35.72 19.97 45.70
N SER A 89 -37.00 19.63 45.69
CA SER A 89 -37.85 19.74 46.86
C SER A 89 -37.99 18.34 47.42
N LEU A 90 -37.34 18.12 48.56
CA LEU A 90 -37.22 16.82 49.19
C LEU A 90 -37.86 16.95 50.57
N TRP A 91 -39.16 16.71 50.61
CA TRP A 91 -39.88 16.77 51.88
C TRP A 91 -39.61 18.12 52.54
N SER A 92 -38.97 18.17 53.69
CA SER A 92 -38.84 19.45 54.38
C SER A 92 -37.70 20.33 53.87
N ARG A 93 -36.86 19.86 52.95
CA ARG A 93 -35.69 20.63 52.56
C ARG A 93 -35.66 20.91 51.06
N ASN A 94 -35.08 22.06 50.72
CA ASN A 94 -34.92 22.50 49.34
C ASN A 94 -33.45 22.67 49.01
N PHE A 95 -33.08 22.29 47.79
CA PHE A 95 -31.72 22.46 47.29
C PHE A 95 -31.77 22.99 45.87
N THR A 96 -30.95 23.99 45.55
CA THR A 96 -31.02 24.57 44.21
C THR A 96 -29.64 24.64 43.57
N VAL A 97 -29.64 24.47 42.24
CA VAL A 97 -28.46 24.66 41.41
C VAL A 97 -28.86 25.57 40.26
N GLN A 98 -27.91 26.41 39.84
CA GLN A 98 -28.20 27.44 38.84
C GLN A 98 -27.04 27.54 37.86
N VAL A 99 -27.37 27.61 36.57
CA VAL A 99 -26.39 27.94 35.54
C VAL A 99 -26.84 29.24 34.88
N HIS A 100 -25.87 30.09 34.56
CA HIS A 100 -26.16 31.40 34.04
C HIS A 100 -25.53 31.57 32.65
N ASP A 101 -25.81 32.71 32.03
CA ASP A 101 -25.30 33.05 30.70
C ASP A 101 -25.67 32.00 29.66
N VAL A 102 -26.85 31.40 29.79
CA VAL A 102 -27.28 30.37 28.85
C VAL A 102 -27.90 31.04 27.63
N LEU A 103 -27.57 30.51 26.46
CA LEU A 103 -28.07 31.00 25.19
C LEU A 103 -28.93 29.93 24.52
N PHE A 104 -29.82 30.37 23.66
CA PHE A 104 -30.58 29.47 22.80
C PHE A 104 -30.15 29.70 21.36
N GLY A 105 -29.88 28.61 20.64
CA GLY A 105 -29.41 28.70 19.27
C GLY A 105 -29.36 27.36 18.59
N ASP A 106 -28.31 27.12 17.81
CA ASP A 106 -28.13 25.86 17.11
C ASP A 106 -26.95 25.12 17.73
N VAL A 107 -27.15 23.85 18.06
CA VAL A 107 -26.14 23.03 18.71
C VAL A 107 -25.63 22.00 17.71
N TRP A 108 -24.31 22.05 17.47
CA TRP A 108 -23.63 21.20 16.51
C TRP A 108 -22.59 20.36 17.23
N LEU A 109 -22.64 19.06 17.01
CA LEU A 109 -21.70 18.11 17.60
C LEU A 109 -20.67 17.72 16.55
N CYS A 110 -19.40 17.98 16.84
CA CYS A 110 -18.29 17.70 15.94
C CYS A 110 -17.55 16.46 16.41
N SER A 111 -17.39 15.50 15.51
CA SER A 111 -16.75 14.23 15.84
C SER A 111 -15.92 13.76 14.66
N GLY A 112 -15.15 12.71 14.91
CA GLY A 112 -14.24 12.18 13.91
C GLY A 112 -12.89 11.85 14.50
N GLN A 113 -11.86 11.88 13.66
CA GLN A 113 -10.52 11.58 14.13
C GLN A 113 -9.62 12.79 13.98
N SER A 114 -8.33 12.58 13.69
CA SER A 114 -7.34 13.60 14.00
C SER A 114 -7.60 14.91 13.25
N ASN A 115 -8.22 14.85 12.08
CA ASN A 115 -8.44 16.07 11.33
C ASN A 115 -9.59 16.90 11.87
N MET A 116 -10.51 16.30 12.60
CA MET A 116 -11.40 17.08 13.45
C MET A 116 -10.67 17.53 14.71
N GLN A 117 -9.90 16.64 15.32
CA GLN A 117 -9.20 16.97 16.56
C GLN A 117 -8.22 18.12 16.36
N MET A 118 -7.69 18.29 15.15
CA MET A 118 -6.71 19.32 14.89
C MET A 118 -7.28 20.71 15.21
N THR A 119 -6.56 21.47 16.02
CA THR A 119 -7.06 22.70 16.62
C THR A 119 -6.64 23.95 15.85
N VAL A 120 -7.25 25.07 16.25
CA VAL A 120 -7.00 26.37 15.62
C VAL A 120 -5.55 26.80 15.76
N LEU A 121 -4.81 26.21 16.68
CA LEU A 121 -3.41 26.58 16.84
C LEU A 121 -2.58 26.13 15.66
N GLN A 122 -2.97 25.04 15.01
CA GLN A 122 -2.13 24.34 14.06
C GLN A 122 -2.42 24.72 12.61
N ILE A 123 -3.38 25.60 12.36
CA ILE A 123 -3.92 25.77 11.03
C ILE A 123 -3.28 26.97 10.34
N PHE A 124 -3.54 27.08 9.04
CA PHE A 124 -3.09 28.21 8.24
C PHE A 124 -3.54 29.52 8.88
N ASN A 125 -2.60 30.47 9.01
CA ASN A 125 -2.90 31.80 9.52
C ASN A 125 -3.46 31.72 10.95
N ALA A 126 -2.77 30.94 11.78
CA ALA A 126 -3.29 30.62 13.11
C ALA A 126 -3.45 31.87 13.96
N VAL A 127 -2.50 32.79 13.90
CA VAL A 127 -2.50 33.93 14.80
C VAL A 127 -3.76 34.77 14.60
N ARG A 128 -4.05 35.14 13.35
CA ARG A 128 -5.26 35.89 13.07
C ARG A 128 -6.49 35.11 13.53
N GLU A 129 -6.56 33.83 13.18
CA GLU A 129 -7.78 33.07 13.48
C GLU A 129 -8.01 32.95 14.97
N LEU A 130 -6.94 32.99 15.77
CA LEU A 130 -7.06 32.95 17.23
C LEU A 130 -7.39 34.33 17.80
N SER A 131 -6.95 35.40 17.15
CA SER A 131 -7.18 36.74 17.69
C SER A 131 -8.54 37.30 17.33
N ASP A 132 -9.13 36.85 16.23
CA ASP A 132 -10.35 37.47 15.71
C ASP A 132 -11.61 36.98 16.42
N THR A 133 -11.51 36.71 17.72
CA THR A 133 -12.60 36.14 18.49
C THR A 133 -13.66 37.17 18.88
N ALA A 134 -13.40 38.45 18.64
CA ALA A 134 -14.23 39.50 19.23
C ALA A 134 -15.69 39.37 18.82
N ALA A 135 -15.95 39.20 17.54
CA ALA A 135 -17.30 39.27 17.01
C ALA A 135 -18.11 37.99 17.21
N TYR A 136 -17.53 36.96 17.81
CA TYR A 136 -18.14 35.65 17.84
C TYR A 136 -18.32 35.14 19.27
N GLN A 137 -18.62 36.04 20.20
CA GLN A 137 -18.79 35.61 21.59
C GLN A 137 -20.06 34.80 21.81
N SER A 138 -21.05 34.92 20.92
CA SER A 138 -22.25 34.09 20.99
C SER A 138 -22.03 32.71 20.40
N VAL A 139 -20.78 32.36 20.04
CA VAL A 139 -20.42 31.02 19.63
C VAL A 139 -19.70 30.37 20.81
N ARG A 140 -20.31 29.33 21.37
CA ARG A 140 -19.86 28.73 22.61
C ARG A 140 -19.22 27.37 22.33
N LEU A 141 -18.21 27.03 23.12
CA LEU A 141 -17.34 25.90 22.84
C LEU A 141 -17.31 24.94 24.02
N LEU A 142 -17.35 23.64 23.72
CA LEU A 142 -17.12 22.62 24.72
C LEU A 142 -16.36 21.46 24.08
N SER A 143 -15.22 21.08 24.66
CA SER A 143 -14.45 19.94 24.17
C SER A 143 -14.57 18.79 25.16
N VAL A 144 -14.92 17.62 24.66
CA VAL A 144 -15.05 16.44 25.49
C VAL A 144 -13.68 15.78 25.63
N SER A 145 -13.47 15.17 26.80
CA SER A 145 -12.20 14.52 27.09
C SER A 145 -12.13 13.17 26.44
N LEU A 146 -10.91 12.73 26.17
CA LEU A 146 -10.70 11.40 25.61
C LEU A 146 -10.92 10.40 26.73
N THR A 147 -12.04 9.67 26.66
CA THR A 147 -12.33 8.58 27.57
C THR A 147 -12.92 7.44 26.76
N GLU A 148 -12.66 6.21 27.21
CA GLU A 148 -13.13 5.01 26.54
C GLU A 148 -13.75 4.09 27.56
N ALA A 149 -14.78 3.36 27.16
CA ALA A 149 -15.51 2.50 28.08
C ALA A 149 -16.12 1.34 27.33
N GLU A 150 -16.21 0.20 28.00
CA GLU A 150 -16.76 -1.00 27.40
C GLU A 150 -18.27 -1.10 27.54
N GLU A 151 -18.91 -0.11 28.16
CA GLU A 151 -20.38 -0.08 28.20
C GLU A 151 -20.85 1.37 28.20
N GLU A 152 -22.07 1.58 27.71
CA GLU A 152 -22.59 2.93 27.52
C GLU A 152 -22.62 3.68 28.84
N LEU A 153 -22.20 4.94 28.81
CA LEU A 153 -22.16 5.80 29.99
C LEU A 153 -23.32 6.77 29.99
N GLN A 154 -23.93 6.94 31.16
CA GLN A 154 -25.07 7.86 31.26
C GLN A 154 -24.63 9.32 31.18
N ASP A 155 -23.47 9.64 31.76
CA ASP A 155 -22.97 11.00 31.83
C ASP A 155 -21.51 11.00 31.39
N LEU A 156 -21.05 12.14 30.91
CA LEU A 156 -19.67 12.25 30.47
C LEU A 156 -18.72 12.02 31.62
N ASN A 157 -17.64 11.31 31.36
CA ASN A 157 -16.64 11.05 32.39
C ASN A 157 -15.84 12.31 32.70
N ALA A 158 -15.46 13.06 31.68
CA ALA A 158 -14.62 14.23 31.89
C ALA A 158 -14.74 15.16 30.70
N VAL A 159 -14.43 16.44 30.95
CA VAL A 159 -14.54 17.49 29.94
C VAL A 159 -13.27 18.32 29.95
N ASP A 160 -12.58 18.40 28.80
CA ASP A 160 -11.33 19.13 28.71
C ASP A 160 -11.58 20.64 28.75
N LEU A 161 -12.57 21.12 28.01
CA LEU A 161 -12.93 22.53 27.96
C LEU A 161 -14.41 22.67 28.26
N GLN A 162 -14.74 23.38 29.33
CA GLN A 162 -16.13 23.58 29.68
C GLN A 162 -16.71 24.73 28.86
N TRP A 163 -18.03 24.75 28.73
CA TRP A 163 -18.71 25.76 27.92
C TRP A 163 -18.05 27.12 28.13
N SER A 164 -17.57 27.70 27.03
CA SER A 164 -16.76 28.91 27.12
C SER A 164 -17.04 29.79 25.92
N LYS A 165 -16.92 31.09 26.13
CA LYS A 165 -16.81 32.00 25.01
C LYS A 165 -15.43 31.81 24.38
N PRO A 166 -15.31 31.99 23.07
CA PRO A 166 -14.03 31.71 22.42
C PRO A 166 -13.00 32.76 22.80
N THR A 167 -11.80 32.27 23.09
CA THR A 167 -10.64 33.12 23.33
C THR A 167 -9.46 32.56 22.57
N LYS A 168 -8.42 33.37 22.43
CA LYS A 168 -7.18 32.87 21.88
C LYS A 168 -6.68 31.66 22.66
N GLU A 169 -6.88 31.68 23.97
CA GLU A 169 -6.26 30.67 24.82
C GLU A 169 -6.96 29.32 24.68
N ASN A 170 -8.28 29.31 24.58
CA ASN A 170 -8.99 28.04 24.51
C ASN A 170 -9.27 27.59 23.08
N LEU A 171 -9.22 28.49 22.10
CA LEU A 171 -9.31 28.06 20.71
C LEU A 171 -8.04 27.30 20.31
N GLY A 172 -6.87 27.82 20.68
CA GLY A 172 -5.62 27.19 20.36
C GLY A 172 -4.80 26.84 21.60
N ASN A 173 -5.22 25.82 22.33
CA ASN A 173 -4.52 25.31 23.49
C ASN A 173 -3.82 24.04 23.03
N GLY A 174 -2.52 24.13 22.80
CA GLY A 174 -1.77 22.95 22.36
C GLY A 174 -2.21 22.34 21.02
N ASP A 175 -1.60 21.20 20.72
CA ASP A 175 -1.82 20.50 19.47
C ASP A 175 -2.77 19.32 19.71
N PHE A 176 -3.82 19.24 18.92
CA PHE A 176 -4.79 18.14 19.00
C PHE A 176 -5.45 18.06 20.37
N THR A 177 -5.80 19.23 20.93
CA THR A 177 -6.44 19.28 22.23
C THR A 177 -7.72 20.10 22.19
N TYR A 178 -7.60 21.43 22.17
CA TYR A 178 -8.72 22.32 22.45
C TYR A 178 -9.29 22.92 21.18
N MET A 179 -10.56 22.64 20.95
CA MET A 179 -11.35 23.18 19.85
C MET A 179 -10.75 22.91 18.49
N SER A 180 -11.39 21.97 17.81
CA SER A 180 -11.10 21.71 16.41
C SER A 180 -11.12 23.01 15.65
N ALA A 181 -10.23 23.12 14.66
CA ALA A 181 -10.35 24.24 13.75
C ALA A 181 -11.56 24.06 12.85
N VAL A 182 -11.86 22.81 12.47
CA VAL A 182 -12.94 22.58 11.52
C VAL A 182 -14.27 23.00 12.13
N CYS A 183 -14.58 22.48 13.32
CA CYS A 183 -15.79 22.86 14.04
C CYS A 183 -15.82 24.37 14.32
N TRP A 184 -14.72 24.93 14.79
CA TRP A 184 -14.72 26.35 15.14
C TRP A 184 -15.03 27.20 13.92
N LEU A 185 -14.33 26.95 12.82
CA LEU A 185 -14.53 27.76 11.62
C LEU A 185 -15.90 27.51 11.01
N PHE A 186 -16.38 26.28 11.07
CA PHE A 186 -17.73 25.99 10.60
C PHE A 186 -18.75 26.75 11.41
N GLY A 187 -18.59 26.78 12.73
CA GLY A 187 -19.53 27.51 13.56
C GLY A 187 -19.40 29.00 13.38
N ARG A 188 -18.19 29.46 13.11
CA ARG A 188 -17.96 30.88 12.88
C ARG A 188 -18.63 31.34 11.59
N TYR A 189 -18.49 30.56 10.51
CA TYR A 189 -19.15 30.91 9.25
C TYR A 189 -20.65 30.75 9.36
N LEU A 190 -21.10 29.72 10.08
CA LEU A 190 -22.53 29.56 10.33
C LEU A 190 -23.08 30.74 11.13
N TYR A 191 -22.27 31.32 12.01
CA TYR A 191 -22.75 32.49 12.74
C TYR A 191 -22.76 33.71 11.83
N ASP A 192 -21.69 33.91 11.06
CA ASP A 192 -21.67 34.95 10.04
C ASP A 192 -22.99 34.93 9.28
N THR A 193 -23.46 33.73 8.92
CA THR A 193 -24.70 33.64 8.15
C THR A 193 -25.94 33.85 9.02
N LEU A 194 -26.07 33.09 10.11
CA LEU A 194 -27.30 33.03 10.87
C LEU A 194 -27.45 34.18 11.86
N GLN A 195 -26.34 34.70 12.37
CA GLN A 195 -26.35 35.80 13.33
C GLN A 195 -27.24 35.47 14.52
N TYR A 196 -27.02 34.28 15.10
CA TYR A 196 -27.64 33.92 16.37
C TYR A 196 -26.82 32.81 17.02
N PRO A 197 -26.98 32.61 18.32
CA PRO A 197 -26.02 31.79 19.07
C PRO A 197 -25.81 30.41 18.47
N ILE A 198 -24.55 29.98 18.46
CA ILE A 198 -24.16 28.66 17.98
C ILE A 198 -23.38 27.98 19.10
N GLY A 199 -23.65 26.69 19.30
CA GLY A 199 -22.95 25.92 20.29
C GLY A 199 -22.24 24.75 19.63
N LEU A 200 -20.94 24.61 19.89
CA LEU A 200 -20.10 23.63 19.24
C LEU A 200 -19.53 22.69 20.29
N ILE A 201 -19.81 21.39 20.15
CA ILE A 201 -19.33 20.37 21.08
C ILE A 201 -18.39 19.44 20.34
N SER A 202 -17.10 19.46 20.71
CA SER A 202 -16.05 18.68 20.06
C SER A 202 -15.79 17.41 20.86
N SER A 203 -16.12 16.27 20.27
CA SER A 203 -15.90 14.96 20.88
C SER A 203 -15.23 14.13 19.81
N CYS A 204 -13.91 14.07 19.82
CA CYS A 204 -13.18 13.36 18.78
C CYS A 204 -11.83 12.89 19.30
N TRP A 205 -11.33 11.82 18.69
CA TRP A 205 -10.05 11.22 19.03
C TRP A 205 -9.36 10.80 17.75
N GLY A 206 -8.10 11.21 17.59
CA GLY A 206 -7.36 10.86 16.40
C GLY A 206 -7.01 9.38 16.35
N GLY A 207 -6.91 8.88 15.12
CA GLY A 207 -6.50 7.51 14.88
C GLY A 207 -7.58 6.48 15.08
N THR A 208 -8.85 6.87 15.04
CA THR A 208 -9.92 5.97 15.42
C THR A 208 -10.74 5.54 14.21
N PRO A 209 -11.01 4.25 14.04
CA PRO A 209 -11.91 3.82 12.98
C PRO A 209 -13.36 4.08 13.38
N ILE A 210 -14.24 4.01 12.39
CA ILE A 210 -15.63 4.36 12.64
C ILE A 210 -16.27 3.38 13.60
N GLU A 211 -15.77 2.15 13.65
CA GLU A 211 -16.33 1.18 14.57
C GLU A 211 -16.30 1.71 16.00
N ALA A 212 -15.22 2.40 16.37
CA ALA A 212 -15.12 2.94 17.72
C ALA A 212 -16.26 3.91 18.02
N TRP A 213 -16.74 4.63 17.02
CA TRP A 213 -17.75 5.68 17.21
C TRP A 213 -19.17 5.20 16.99
N SER A 214 -19.37 3.95 16.59
CA SER A 214 -20.69 3.43 16.28
C SER A 214 -21.23 2.65 17.47
N SER A 215 -22.55 2.60 17.56
CA SER A 215 -23.18 1.78 18.59
C SER A 215 -23.15 0.30 18.17
N GLU A 216 -23.61 -0.57 19.08
CA GLU A 216 -23.74 -1.98 18.73
C GLU A 216 -24.76 -2.17 17.61
N ARG A 217 -25.75 -1.30 17.53
CA ARG A 217 -26.88 -1.53 16.63
C ARG A 217 -26.45 -1.39 15.17
N SER A 218 -25.83 -0.25 14.82
CA SER A 218 -25.38 -0.06 13.45
C SER A 218 -24.33 -1.09 13.07
N LEU A 219 -23.39 -1.38 13.99
CA LEU A 219 -22.35 -2.36 13.69
C LEU A 219 -22.95 -3.73 13.41
N LYS A 220 -23.94 -4.14 14.18
CA LYS A 220 -24.62 -5.40 13.90
C LYS A 220 -25.32 -5.35 12.55
N ALA A 221 -26.01 -4.25 12.26
CA ALA A 221 -26.73 -4.14 11.00
C ALA A 221 -25.81 -4.25 9.79
N CYS A 222 -24.52 -3.94 9.95
CA CYS A 222 -23.57 -4.03 8.85
C CYS A 222 -22.73 -5.30 8.89
N GLY A 223 -22.91 -6.14 9.89
CA GLY A 223 -22.11 -7.36 9.97
C GLY A 223 -20.66 -7.08 10.26
N VAL A 224 -20.38 -6.12 11.12
CA VAL A 224 -18.99 -5.94 11.57
C VAL A 224 -18.63 -7.10 12.50
N PRO A 225 -17.41 -7.63 12.43
CA PRO A 225 -17.04 -8.72 13.33
C PRO A 225 -17.03 -8.26 14.78
N THR A 226 -17.68 -9.05 15.63
CA THR A 226 -17.62 -8.78 17.06
C THR A 226 -16.17 -8.77 17.54
N LYS A 227 -15.38 -9.74 17.09
CA LYS A 227 -13.94 -9.76 17.39
C LYS A 227 -13.23 -8.87 16.38
N GLY A 228 -12.67 -7.77 16.87
CA GLY A 228 -12.04 -6.78 16.02
C GLY A 228 -11.06 -7.31 15.00
N SER A 229 -11.06 -6.72 13.82
CA SER A 229 -10.14 -7.12 12.76
C SER A 229 -8.71 -6.75 13.14
N LEU A 230 -7.75 -7.38 12.46
CA LEU A 230 -6.36 -6.99 12.67
C LEU A 230 -6.17 -5.59 12.14
N LEU A 231 -5.31 -4.82 12.79
CA LEU A 231 -5.18 -3.40 12.50
C LEU A 231 -3.74 -3.03 12.20
N SER A 232 -3.61 -2.00 11.35
CA SER A 232 -2.33 -1.51 10.85
C SER A 232 -1.92 -0.24 11.58
N ASP A 233 -0.87 0.41 11.07
CA ASP A 233 -0.41 1.66 11.65
C ASP A 233 -1.37 2.81 11.38
N SER A 234 -2.28 2.66 10.43
CA SER A 234 -3.27 3.70 10.19
C SER A 234 -4.28 3.80 11.32
N VAL A 235 -4.43 2.74 12.12
CA VAL A 235 -5.32 2.75 13.27
C VAL A 235 -4.44 2.96 14.50
N SER A 236 -4.22 4.23 14.86
CA SER A 236 -3.35 4.61 15.95
C SER A 236 -4.06 4.78 17.28
N GLY A 237 -5.40 4.81 17.28
CA GLY A 237 -6.15 5.10 18.47
C GLY A 237 -7.13 3.99 18.84
N PRO A 238 -8.04 4.31 19.76
CA PRO A 238 -9.05 3.33 20.16
C PRO A 238 -9.80 2.77 18.97
N SER A 239 -9.81 1.44 18.86
CA SER A 239 -10.42 0.75 17.74
C SER A 239 -11.51 -0.23 18.12
N GLN A 240 -11.68 -0.55 19.39
CA GLN A 240 -12.67 -1.53 19.79
C GLN A 240 -14.08 -1.03 19.50
N ASN A 241 -14.95 -1.95 19.14
CA ASN A 241 -16.29 -1.58 18.73
C ASN A 241 -17.00 -0.79 19.83
N SER A 242 -17.48 0.41 19.47
CA SER A 242 -18.32 1.28 20.28
C SER A 242 -17.60 1.86 21.50
N ILE A 243 -16.27 1.73 21.59
CA ILE A 243 -15.62 2.11 22.83
C ILE A 243 -15.67 3.62 23.02
N LEU A 244 -15.60 4.41 21.96
CA LEU A 244 -15.72 5.85 22.11
C LEU A 244 -17.18 6.31 22.06
N TRP A 245 -18.04 5.58 21.37
CA TRP A 245 -19.47 5.89 21.42
C TRP A 245 -19.97 5.83 22.85
N ASN A 246 -19.61 4.75 23.56
CA ASN A 246 -20.12 4.53 24.90
C ASN A 246 -19.84 5.71 25.82
N ALA A 247 -18.66 6.32 25.72
CA ALA A 247 -18.22 7.29 26.70
C ALA A 247 -18.24 8.74 26.23
N MET A 248 -18.09 8.99 24.94
CA MET A 248 -17.92 10.36 24.43
C MET A 248 -19.07 10.84 23.58
N ILE A 249 -20.00 9.98 23.18
CA ILE A 249 -21.17 10.38 22.42
C ILE A 249 -22.46 10.04 23.16
N HIS A 250 -22.60 8.80 23.60
CA HIS A 250 -23.84 8.35 24.22
C HIS A 250 -24.31 9.24 25.36
N PRO A 251 -23.44 9.79 26.21
CA PRO A 251 -23.93 10.68 27.28
C PRO A 251 -24.69 11.88 26.75
N LEU A 252 -24.41 12.30 25.53
CA LEU A 252 -25.08 13.46 24.94
C LEU A 252 -26.39 13.11 24.26
N GLN A 253 -26.80 11.84 24.25
CA GLN A 253 -27.95 11.44 23.44
C GLN A 253 -29.21 12.21 23.84
N ASN A 254 -29.37 12.55 25.11
CA ASN A 254 -30.59 13.20 25.57
C ASN A 254 -30.60 14.70 25.33
N MET A 255 -29.53 15.27 24.77
CA MET A 255 -29.48 16.69 24.48
C MET A 255 -30.11 16.98 23.12
N THR A 256 -30.72 18.16 23.02
CA THR A 256 -31.39 18.56 21.80
C THR A 256 -30.38 19.26 20.89
N LEU A 257 -30.29 18.80 19.64
CA LEU A 257 -29.26 19.20 18.71
C LEU A 257 -29.82 19.88 17.47
N LYS A 258 -29.00 20.71 16.85
CA LYS A 258 -29.21 21.05 15.45
C LYS A 258 -28.64 19.97 14.54
N GLY A 259 -27.38 19.59 14.74
CA GLY A 259 -26.84 18.60 13.82
C GLY A 259 -25.45 18.14 14.19
N VAL A 260 -24.84 17.41 13.25
CA VAL A 260 -23.54 16.78 13.47
C VAL A 260 -22.59 17.13 12.33
N LEU A 261 -21.33 17.39 12.69
CA LEU A 261 -20.22 17.60 11.77
C LEU A 261 -19.21 16.48 11.99
N TRP A 262 -18.72 15.90 10.89
CA TRP A 262 -17.96 14.65 10.95
C TRP A 262 -16.72 14.74 10.05
N TYR A 263 -15.56 14.39 10.60
CA TYR A 263 -14.34 14.32 9.78
C TYR A 263 -13.58 13.05 10.17
N GLN A 264 -14.04 11.93 9.63
CA GLN A 264 -13.46 10.64 9.93
C GLN A 264 -13.38 9.81 8.65
N GLY A 265 -12.44 8.85 8.66
CA GLY A 265 -12.29 7.94 7.55
C GLY A 265 -10.88 7.41 7.38
N GLU A 266 -9.90 8.23 7.76
CA GLU A 266 -8.51 7.88 7.48
C GLU A 266 -8.13 6.51 8.05
N SER A 267 -8.64 6.16 9.24
CA SER A 267 -8.27 4.89 9.86
C SER A 267 -9.06 3.70 9.36
N ASN A 268 -10.08 3.92 8.56
CA ASN A 268 -10.81 2.85 7.91
C ASN A 268 -10.26 2.50 6.54
N VAL A 269 -9.17 3.15 6.14
CA VAL A 269 -8.56 2.86 4.85
C VAL A 269 -8.09 1.42 4.78
N ASN A 270 -7.68 0.85 5.92
CA ASN A 270 -7.24 -0.54 5.95
C ASN A 270 -7.84 -1.28 7.14
N TYR A 271 -8.95 -0.79 7.67
CA TYR A 271 -9.69 -1.47 8.74
C TYR A 271 -11.14 -1.55 8.30
N ASN A 272 -11.61 -2.75 8.00
CA ASN A 272 -12.99 -2.97 7.57
C ASN A 272 -13.37 -1.99 6.46
N LYS A 273 -12.45 -1.83 5.49
CA LYS A 273 -12.62 -0.86 4.42
C LYS A 273 -13.91 -1.11 3.66
N ASP A 274 -14.08 -2.33 3.16
CA ASP A 274 -15.19 -2.64 2.28
C ASP A 274 -16.54 -2.60 2.99
N LEU A 275 -16.58 -2.33 4.29
CA LEU A 275 -17.82 -2.16 5.02
C LEU A 275 -18.19 -0.70 5.25
N TYR A 276 -17.30 0.25 4.94
CA TYR A 276 -17.59 1.64 5.27
C TYR A 276 -18.86 2.11 4.57
N ASN A 277 -19.05 1.72 3.30
CA ASN A 277 -20.24 2.12 2.57
C ASN A 277 -21.52 1.62 3.24
N CYS A 278 -21.41 0.65 4.13
CA CYS A 278 -22.50 0.29 5.02
C CYS A 278 -22.41 1.04 6.35
N THR A 279 -21.23 1.02 6.98
CA THR A 279 -21.16 1.45 8.37
C THR A 279 -21.38 2.94 8.51
N PHE A 280 -20.83 3.74 7.58
CA PHE A 280 -20.96 5.19 7.71
C PHE A 280 -22.42 5.63 7.57
N PRO A 281 -23.15 5.26 6.52
CA PRO A 281 -24.58 5.65 6.50
C PRO A 281 -25.33 5.07 7.68
N ALA A 282 -25.12 3.79 7.99
CA ALA A 282 -25.75 3.20 9.16
C ALA A 282 -25.54 4.07 10.39
N LEU A 283 -24.27 4.34 10.73
CA LEU A 283 -23.97 5.23 11.85
C LEU A 283 -24.89 6.46 11.82
N ILE A 284 -24.92 7.16 10.68
CA ILE A 284 -25.75 8.36 10.61
C ILE A 284 -27.16 8.03 11.02
N GLU A 285 -27.79 7.09 10.30
CA GLU A 285 -29.14 6.67 10.66
C GLU A 285 -29.22 6.35 12.15
N ASP A 286 -28.30 5.51 12.63
CA ASP A 286 -28.35 5.09 14.03
C ASP A 286 -28.38 6.31 14.95
N TRP A 287 -27.42 7.21 14.78
CA TRP A 287 -27.39 8.37 15.66
C TRP A 287 -28.72 9.11 15.58
N ARG A 288 -29.21 9.34 14.36
CA ARG A 288 -30.49 10.01 14.19
C ARG A 288 -31.57 9.34 15.00
N GLN A 289 -31.66 8.02 14.93
CA GLN A 289 -32.65 7.31 15.73
C GLN A 289 -32.41 7.59 17.20
N THR A 290 -31.21 7.28 17.67
CA THR A 290 -30.92 7.33 19.11
C THR A 290 -31.14 8.74 19.65
N PHE A 291 -30.48 9.73 19.05
CA PHE A 291 -30.63 11.11 19.53
C PHE A 291 -32.05 11.59 19.42
N HIS A 292 -32.82 11.07 18.46
CA HIS A 292 -34.23 11.45 18.41
C HIS A 292 -34.97 10.89 19.61
N SER A 293 -34.70 9.61 19.93
CA SER A 293 -35.31 9.00 21.10
C SER A 293 -34.85 9.69 22.38
N GLY A 294 -33.53 9.79 22.56
CA GLY A 294 -33.00 10.31 23.81
C GLY A 294 -33.52 11.69 24.15
N SER A 295 -33.68 12.55 23.15
CA SER A 295 -34.11 13.92 23.36
C SER A 295 -35.63 14.05 23.39
N GLN A 296 -36.34 12.95 23.63
CA GLN A 296 -37.79 12.98 23.71
C GLN A 296 -38.40 13.57 22.45
N GLY A 297 -37.80 13.23 21.31
CA GLY A 297 -38.28 13.66 20.02
C GLY A 297 -37.90 15.07 19.62
N GLN A 298 -37.09 15.77 20.42
CA GLN A 298 -36.78 17.16 20.11
C GLN A 298 -35.74 17.28 18.99
N THR A 299 -34.69 16.48 19.04
CA THR A 299 -33.73 16.47 17.95
C THR A 299 -34.41 15.86 16.73
N GLU A 300 -34.28 16.53 15.57
CA GLU A 300 -35.00 16.12 14.38
C GLU A 300 -34.66 14.67 14.01
N ARG A 301 -35.70 13.89 13.73
CA ARG A 301 -35.49 12.47 13.43
C ARG A 301 -34.50 12.26 12.31
N VAL A 302 -34.37 13.23 11.41
CA VAL A 302 -33.40 13.14 10.33
C VAL A 302 -32.60 14.44 10.27
N PHE A 303 -31.82 14.70 11.32
CA PHE A 303 -31.14 15.97 11.44
C PHE A 303 -29.95 16.03 10.49
N PRO A 304 -29.46 17.24 10.21
CA PRO A 304 -28.35 17.39 9.25
C PRO A 304 -27.07 16.78 9.77
N PHE A 305 -26.45 15.95 8.94
CA PHE A 305 -25.18 15.30 9.22
C PHE A 305 -24.24 15.66 8.08
N GLY A 306 -23.30 16.55 8.34
CA GLY A 306 -22.35 17.01 7.32
C GLY A 306 -20.98 16.45 7.63
N PHE A 307 -20.31 15.96 6.59
CA PHE A 307 -19.01 15.32 6.76
C PHE A 307 -18.03 15.83 5.72
N VAL A 308 -16.76 15.54 5.99
CA VAL A 308 -15.66 15.94 5.11
C VAL A 308 -15.15 14.70 4.41
N GLN A 309 -14.97 14.82 3.09
CA GLN A 309 -14.38 13.74 2.31
C GLN A 309 -12.88 13.76 2.44
N LEU A 310 -12.28 12.58 2.56
CA LEU A 310 -10.84 12.49 2.77
C LEU A 310 -10.10 13.39 1.79
N SER A 311 -9.03 13.99 2.29
CA SER A 311 -8.21 14.89 1.50
C SER A 311 -7.15 14.08 0.76
N SER A 312 -6.23 14.76 0.09
CA SER A 312 -5.12 14.12 -0.58
C SER A 312 -3.98 14.01 0.42
N TYR A 313 -3.60 12.78 0.74
CA TYR A 313 -2.50 12.55 1.66
C TYR A 313 -1.88 11.21 1.34
N LEU A 314 -0.78 10.93 2.01
CA LEU A 314 -0.11 9.64 1.92
C LEU A 314 -0.50 8.83 3.13
N SER A 315 -1.09 7.66 2.92
CA SER A 315 -1.43 6.82 4.04
C SER A 315 -0.19 6.05 4.48
N THR A 316 -0.34 5.31 5.57
CA THR A 316 0.80 4.63 6.15
C THR A 316 1.30 3.55 5.20
N ALA A 317 2.58 3.18 5.37
CA ALA A 317 3.24 2.29 4.42
C ALA A 317 2.72 0.87 4.44
N ASP A 318 2.00 0.45 5.49
CA ASP A 318 1.47 -0.91 5.51
C ASP A 318 0.01 -0.97 5.08
N ASP A 319 -0.52 0.11 4.49
CA ASP A 319 -1.84 0.16 3.89
C ASP A 319 -1.74 0.14 2.38
N PRO A 320 -2.60 -0.60 1.67
CA PRO A 320 -2.65 -0.45 0.22
C PRO A 320 -3.14 0.94 -0.16
N PRO A 321 -2.39 1.67 -0.98
CA PRO A 321 -2.81 3.05 -1.33
C PRO A 321 -4.23 3.13 -1.80
N VAL A 322 -4.70 2.13 -2.54
CA VAL A 322 -6.02 2.19 -3.14
C VAL A 322 -7.09 2.42 -2.09
N GLY A 323 -6.83 2.04 -0.83
CA GLY A 323 -7.81 2.22 0.21
C GLY A 323 -8.28 3.66 0.37
N VAL A 324 -7.40 4.63 0.13
CA VAL A 324 -7.78 6.04 0.35
C VAL A 324 -8.90 6.46 -0.59
N PRO A 325 -8.76 6.33 -1.91
CA PRO A 325 -9.90 6.69 -2.79
C PRO A 325 -11.13 5.84 -2.54
N GLN A 326 -10.96 4.55 -2.21
CA GLN A 326 -12.11 3.71 -1.95
C GLN A 326 -12.94 4.28 -0.81
N ILE A 327 -12.28 4.66 0.28
CA ILE A 327 -13.02 5.26 1.39
C ILE A 327 -13.74 6.52 0.90
N ARG A 328 -13.04 7.36 0.11
CA ARG A 328 -13.70 8.56 -0.39
C ARG A 328 -14.98 8.19 -1.09
N TRP A 329 -14.99 7.05 -1.77
CA TRP A 329 -16.18 6.62 -2.47
C TRP A 329 -17.19 6.05 -1.48
N HIS A 330 -16.72 5.22 -0.55
CA HIS A 330 -17.63 4.64 0.44
C HIS A 330 -18.28 5.73 1.28
N GLN A 331 -17.57 6.84 1.51
CA GLN A 331 -18.13 7.96 2.27
C GLN A 331 -19.39 8.53 1.64
N THR A 332 -19.62 8.30 0.35
CA THR A 332 -20.82 8.77 -0.34
C THR A 332 -21.85 7.68 -0.50
N ALA A 333 -21.68 6.54 0.18
CA ALA A 333 -22.48 5.35 -0.07
C ALA A 333 -22.33 4.91 -1.52
N ASP A 334 -21.12 5.07 -2.06
CA ASP A 334 -20.79 4.62 -3.41
C ASP A 334 -21.67 5.30 -4.46
N LEU A 335 -21.99 6.58 -4.26
CA LEU A 335 -22.80 7.34 -5.21
C LEU A 335 -22.17 8.67 -5.64
N GLY A 336 -21.14 9.17 -4.95
CA GLY A 336 -20.40 10.33 -5.41
C GLY A 336 -20.93 11.68 -4.97
N PHE A 337 -22.12 11.74 -4.40
CA PHE A 337 -22.70 13.03 -4.00
C PHE A 337 -23.61 12.81 -2.80
N VAL A 338 -23.85 13.91 -2.07
CA VAL A 338 -24.84 13.89 -1.01
C VAL A 338 -25.55 15.23 -0.96
N PRO A 339 -26.81 15.22 -0.51
CA PRO A 339 -27.56 14.07 0.00
C PRO A 339 -27.94 13.09 -1.10
N ASN A 340 -28.16 11.83 -0.76
CA ASN A 340 -28.64 10.84 -1.69
C ASN A 340 -29.56 9.89 -0.93
N ARG A 341 -30.01 8.83 -1.63
CA ARG A 341 -31.05 7.98 -1.06
C ARG A 341 -30.57 7.28 0.20
N ARG A 342 -29.31 6.85 0.22
CA ARG A 342 -28.79 6.14 1.39
C ARG A 342 -28.37 7.09 2.49
N MET A 343 -28.14 8.36 2.19
CA MET A 343 -27.67 9.34 3.16
C MET A 343 -28.45 10.63 2.97
N PRO A 344 -29.72 10.65 3.37
CA PRO A 344 -30.54 11.86 3.22
C PRO A 344 -30.14 12.94 4.21
N ASN A 345 -30.44 14.18 3.82
CA ASN A 345 -30.20 15.35 4.68
C ASN A 345 -28.75 15.40 5.16
N THR A 346 -27.82 15.00 4.30
CA THR A 346 -26.40 15.06 4.57
C THR A 346 -25.74 16.00 3.58
N PHE A 347 -24.63 16.60 4.02
CA PHE A 347 -23.82 17.44 3.15
C PHE A 347 -22.37 17.03 3.28
N MET A 348 -21.61 17.31 2.24
CA MET A 348 -20.24 16.86 2.12
C MET A 348 -19.38 18.04 1.71
N ALA A 349 -18.12 17.99 2.13
CA ALA A 349 -17.12 18.95 1.72
C ALA A 349 -15.99 18.17 1.06
N VAL A 350 -15.71 18.47 -0.19
CA VAL A 350 -14.66 17.76 -0.92
C VAL A 350 -13.33 18.38 -0.56
N ALA A 351 -12.37 17.54 -0.20
CA ALA A 351 -11.13 18.03 0.37
C ALA A 351 -9.89 17.54 -0.35
N LEU A 352 -10.04 16.79 -1.44
CA LEU A 352 -8.85 16.20 -2.05
C LEU A 352 -7.96 17.22 -2.75
N ASP A 353 -8.40 18.48 -2.89
CA ASP A 353 -7.53 19.53 -3.39
C ASP A 353 -7.00 20.44 -2.30
N LEU A 354 -7.18 20.09 -1.03
CA LEU A 354 -6.77 20.92 0.10
C LEU A 354 -5.64 20.27 0.88
N CYS A 355 -4.74 19.61 0.16
CA CYS A 355 -3.60 18.93 0.77
C CYS A 355 -2.62 19.95 1.34
N ASP A 356 -1.50 19.44 1.85
CA ASP A 356 -0.49 20.28 2.47
C ASP A 356 0.82 19.49 2.44
N ARG A 357 1.73 19.88 1.53
CA ARG A 357 2.99 19.17 1.41
C ARG A 357 3.92 19.49 2.56
N THR A 358 3.85 20.70 3.10
CA THR A 358 4.79 21.17 4.11
C THR A 358 4.23 21.13 5.53
N SER A 359 3.11 20.47 5.75
CA SER A 359 2.53 20.45 7.09
C SER A 359 3.52 19.82 8.05
N PRO A 360 3.78 20.44 9.21
CA PRO A 360 4.64 19.80 10.21
C PRO A 360 3.97 18.67 10.96
N PHE A 361 2.68 18.44 10.72
CA PHE A 361 1.93 17.38 11.37
C PHE A 361 1.63 16.23 10.42
N GLY A 362 2.27 16.19 9.27
CA GLY A 362 2.07 15.11 8.33
C GLY A 362 1.08 15.47 7.24
N SER A 363 1.32 14.93 6.04
CA SER A 363 0.43 15.20 4.92
C SER A 363 -1.02 14.96 5.31
N ILE A 364 -1.24 14.02 6.23
CA ILE A 364 -2.59 13.65 6.64
C ILE A 364 -3.27 14.75 7.43
N HIS A 365 -2.53 15.74 7.90
CA HIS A 365 -3.07 16.86 8.69
C HIS A 365 -2.85 18.15 7.94
N PRO A 366 -3.64 18.42 6.90
CA PRO A 366 -3.48 19.67 6.17
C PRO A 366 -3.85 20.86 7.04
N ARG A 367 -3.16 21.96 6.82
CA ARG A 367 -3.37 23.13 7.65
C ARG A 367 -4.44 24.08 7.12
N ASP A 368 -4.95 23.87 5.92
CA ASP A 368 -6.05 24.70 5.43
C ASP A 368 -7.36 24.04 5.84
N LYS A 369 -7.78 24.32 7.06
CA LYS A 369 -9.11 23.93 7.50
C LYS A 369 -10.15 25.01 7.23
N GLN A 370 -9.74 26.22 6.79
CA GLN A 370 -10.71 27.26 6.50
C GLN A 370 -11.55 26.89 5.28
N THR A 371 -10.90 26.44 4.20
CA THR A 371 -11.66 26.09 3.01
C THR A 371 -12.58 24.90 3.29
N VAL A 372 -12.11 23.96 4.12
CA VAL A 372 -12.94 22.83 4.52
C VAL A 372 -14.19 23.33 5.24
N ALA A 373 -14.01 24.27 6.17
CA ALA A 373 -15.14 24.81 6.91
C ALA A 373 -16.08 25.57 5.99
N TYR A 374 -15.52 26.33 5.04
CA TYR A 374 -16.35 27.09 4.12
C TYR A 374 -17.24 26.16 3.29
N ARG A 375 -16.65 25.09 2.76
CA ARG A 375 -17.43 24.15 1.94
C ARG A 375 -18.46 23.40 2.79
N LEU A 376 -18.06 23.00 4.00
CA LEU A 376 -19.03 22.43 4.93
C LEU A 376 -20.17 23.40 5.18
N HIS A 377 -19.87 24.69 5.27
CA HIS A 377 -20.87 25.68 5.63
C HIS A 377 -21.82 25.95 4.47
N LEU A 378 -21.31 25.90 3.24
CA LEU A 378 -22.22 25.88 2.08
C LEU A 378 -23.17 24.71 2.17
N GLY A 379 -22.62 23.50 2.37
CA GLY A 379 -23.48 22.33 2.49
C GLY A 379 -24.52 22.48 3.58
N ALA A 380 -24.11 23.00 4.73
CA ALA A 380 -25.04 23.17 5.85
C ALA A 380 -26.13 24.16 5.50
N ARG A 381 -25.74 25.29 4.90
CA ARG A 381 -26.72 26.29 4.51
C ARG A 381 -27.76 25.70 3.57
N ALA A 382 -27.31 24.83 2.67
CA ALA A 382 -28.25 24.29 1.69
C ALA A 382 -29.15 23.22 2.31
N VAL A 383 -28.57 22.27 3.05
CA VAL A 383 -29.29 21.11 3.53
C VAL A 383 -29.89 21.34 4.90
N ALA A 384 -29.07 21.85 5.84
CA ALA A 384 -29.55 22.04 7.21
C ALA A 384 -30.52 23.20 7.30
N TYR A 385 -30.27 24.27 6.55
CA TYR A 385 -31.09 25.47 6.62
C TYR A 385 -31.84 25.75 5.31
N GLY A 386 -31.94 24.74 4.45
CA GLY A 386 -32.80 24.83 3.27
C GLY A 386 -32.56 26.04 2.39
N GLU A 387 -31.37 26.63 2.44
CA GLU A 387 -31.06 27.72 1.54
C GLU A 387 -31.11 27.23 0.10
N LYS A 388 -31.81 27.98 -0.75
CA LYS A 388 -32.04 27.58 -2.13
C LYS A 388 -31.18 28.43 -3.06
N ASN A 389 -30.99 27.90 -4.28
CA ASN A 389 -30.16 28.55 -5.29
C ASN A 389 -28.76 28.83 -4.73
N LEU A 390 -28.27 27.90 -3.91
CA LEU A 390 -26.91 27.96 -3.38
C LEU A 390 -26.17 26.70 -3.79
N THR A 391 -25.06 26.86 -4.50
CA THR A 391 -24.29 25.74 -5.01
C THR A 391 -23.41 25.18 -3.90
N PHE A 392 -23.55 23.88 -3.63
CA PHE A 392 -22.75 23.21 -2.61
C PHE A 392 -22.24 21.86 -3.07
N GLN A 393 -22.39 21.52 -4.34
CA GLN A 393 -21.93 20.24 -4.86
C GLN A 393 -20.96 20.51 -6.01
N GLY A 394 -19.96 19.64 -6.12
CA GLY A 394 -19.02 19.71 -7.21
C GLY A 394 -19.62 19.10 -8.46
N PRO A 395 -19.07 19.44 -9.61
CA PRO A 395 -19.61 18.91 -10.87
C PRO A 395 -19.28 17.43 -11.03
N LEU A 396 -20.30 16.67 -11.42
CA LEU A 396 -20.24 15.23 -11.64
C LEU A 396 -20.86 14.90 -12.99
N PRO A 397 -20.35 13.89 -13.70
CA PRO A 397 -20.95 13.53 -14.99
C PRO A 397 -22.37 13.02 -14.83
N GLU A 398 -23.31 13.68 -15.52
CA GLU A 398 -24.69 13.22 -15.59
C GLU A 398 -24.96 12.32 -16.79
N LYS A 399 -24.10 12.36 -17.81
CA LYS A 399 -24.24 11.50 -18.98
C LYS A 399 -22.86 11.08 -19.46
N ILE A 400 -22.69 9.81 -19.78
CA ILE A 400 -21.46 9.30 -20.38
C ILE A 400 -21.82 8.61 -21.68
N GLU A 401 -21.25 9.09 -22.78
CA GLU A 401 -21.46 8.51 -24.09
C GLU A 401 -20.14 7.97 -24.61
N LEU A 402 -20.19 6.83 -25.30
CA LEU A 402 -18.99 6.16 -25.77
C LEU A 402 -18.94 6.28 -27.29
N LEU A 403 -17.92 6.99 -27.79
CA LEU A 403 -17.71 7.16 -29.23
C LEU A 403 -16.54 6.25 -29.61
N SER A 404 -16.87 4.97 -29.83
CA SER A 404 -15.85 3.96 -30.06
C SER A 404 -15.10 4.21 -31.36
N THR A 405 -15.81 4.64 -32.39
CA THR A 405 -15.18 4.89 -33.69
C THR A 405 -14.14 5.97 -33.59
N ASP A 406 -14.43 7.05 -32.86
CA ASP A 406 -13.48 8.13 -32.69
C ASP A 406 -12.44 7.84 -31.62
N GLY A 407 -12.64 6.81 -30.80
CA GLY A 407 -11.77 6.55 -29.67
C GLY A 407 -11.93 7.56 -28.55
N LEU A 408 -13.17 7.89 -28.20
CA LEU A 408 -13.45 8.95 -27.23
C LEU A 408 -14.54 8.53 -26.26
N LEU A 409 -14.47 9.11 -25.05
CA LEU A 409 -15.55 9.04 -24.07
C LEU A 409 -16.01 10.47 -23.81
N ASN A 410 -17.31 10.73 -23.98
CA ASN A 410 -17.87 12.07 -23.87
C ASN A 410 -18.66 12.17 -22.56
N LEU A 411 -18.16 13.00 -21.63
CA LEU A 411 -18.72 13.16 -20.30
C LEU A 411 -19.46 14.48 -20.26
N THR A 412 -20.77 14.41 -20.07
CA THR A 412 -21.62 15.58 -19.92
C THR A 412 -21.91 15.77 -18.45
N TYR A 413 -21.42 16.88 -17.90
CA TYR A 413 -21.56 17.17 -16.48
C TYR A 413 -22.86 17.92 -16.21
N HIS A 414 -23.46 17.65 -15.04
CA HIS A 414 -24.68 18.33 -14.64
C HIS A 414 -24.46 19.81 -14.40
N GLN A 415 -23.20 20.25 -14.35
CA GLN A 415 -22.82 21.61 -14.02
C GLN A 415 -21.85 22.12 -15.08
N SER A 416 -21.75 23.43 -15.19
CA SER A 416 -20.70 24.01 -16.02
C SER A 416 -19.35 23.68 -15.40
N ILE A 417 -18.36 23.39 -16.23
CA ILE A 417 -17.05 22.98 -15.74
C ILE A 417 -15.98 23.95 -16.22
N GLN A 418 -14.94 24.08 -15.41
CA GLN A 418 -13.77 24.90 -15.71
C GLN A 418 -12.56 23.97 -15.72
N VAL A 419 -11.84 23.92 -16.83
CA VAL A 419 -10.72 23.00 -17.00
C VAL A 419 -9.43 23.80 -16.87
N LEU A 420 -8.69 23.55 -15.79
CA LEU A 420 -7.43 24.27 -15.59
C LEU A 420 -6.38 23.77 -16.56
N ARG A 421 -6.19 22.47 -16.62
CA ARG A 421 -5.15 21.88 -17.44
C ARG A 421 -5.63 20.55 -18.01
N GLN A 422 -4.91 20.10 -19.02
CA GLN A 422 -5.18 18.80 -19.64
C GLN A 422 -4.39 17.76 -18.88
N ASP A 423 -5.07 17.05 -17.97
CA ASP A 423 -4.42 16.02 -17.18
C ASP A 423 -4.54 14.67 -17.89
N LEU A 424 -3.42 13.97 -18.01
CA LEU A 424 -3.37 12.75 -18.79
C LEU A 424 -3.75 11.50 -18.01
N GLN A 425 -3.58 11.52 -16.68
CA GLN A 425 -3.75 10.30 -15.90
C GLN A 425 -4.85 10.36 -14.85
N ILE A 426 -5.42 11.52 -14.57
CA ILE A 426 -6.39 11.59 -13.47
C ILE A 426 -7.62 10.76 -13.79
N PHE A 427 -8.02 10.70 -15.07
CA PHE A 427 -9.09 9.81 -15.49
C PHE A 427 -8.52 8.44 -15.85
N GLU A 428 -9.34 7.42 -15.67
CA GLU A 428 -8.95 6.04 -15.93
C GLU A 428 -10.14 5.29 -16.49
N ILE A 429 -9.87 4.33 -17.36
CA ILE A 429 -10.89 3.50 -17.97
C ILE A 429 -10.56 2.04 -17.72
N SER A 430 -11.60 1.22 -17.58
CA SER A 430 -11.43 -0.21 -17.41
C SER A 430 -11.58 -0.86 -18.79
N CYS A 431 -10.45 -1.32 -19.33
CA CYS A 431 -10.41 -2.02 -20.62
C CYS A 431 -10.61 -3.50 -20.35
N CYS A 432 -11.76 -4.02 -20.76
CA CYS A 432 -12.11 -5.42 -20.57
C CYS A 432 -12.14 -6.12 -21.92
N SER A 433 -11.55 -7.30 -21.97
CA SER A 433 -11.41 -8.04 -23.22
C SER A 433 -11.41 -9.53 -22.91
N ASP A 434 -12.54 -10.19 -23.16
CA ASP A 434 -12.67 -11.64 -23.00
C ASP A 434 -12.13 -12.08 -21.63
N ARG A 435 -12.88 -11.72 -20.59
CA ARG A 435 -12.59 -12.17 -19.23
C ARG A 435 -11.23 -11.69 -18.75
N GLN A 436 -10.89 -10.46 -19.08
CA GLN A 436 -9.67 -9.82 -18.57
C GLN A 436 -9.93 -8.32 -18.54
N CYS A 437 -9.89 -7.72 -17.36
CA CYS A 437 -10.07 -6.29 -17.22
C CYS A 437 -8.80 -5.67 -16.65
N LYS A 438 -8.57 -4.41 -17.03
CA LYS A 438 -7.39 -3.71 -16.57
C LYS A 438 -7.66 -2.21 -16.64
N TRP A 439 -7.20 -1.46 -15.64
CA TRP A 439 -7.40 -0.02 -15.65
C TRP A 439 -6.24 0.64 -16.38
N LEU A 440 -6.57 1.60 -17.24
CA LEU A 440 -5.61 2.30 -18.06
C LEU A 440 -5.93 3.79 -18.06
N PRO A 441 -4.93 4.64 -18.22
CA PRO A 441 -5.21 6.08 -18.22
C PRO A 441 -5.98 6.50 -19.45
N ALA A 442 -6.86 7.48 -19.25
CA ALA A 442 -7.63 8.09 -20.34
C ALA A 442 -7.35 9.58 -20.35
N PRO A 443 -6.40 10.05 -21.17
CA PRO A 443 -6.06 11.47 -21.15
C PRO A 443 -7.24 12.35 -21.54
N MET A 444 -7.32 13.50 -20.89
CA MET A 444 -8.33 14.49 -21.27
C MET A 444 -8.00 15.00 -22.66
N ASN A 445 -9.04 15.18 -23.48
CA ASN A 445 -8.82 15.49 -24.88
C ASN A 445 -9.35 16.88 -25.25
N THR A 446 -10.66 17.01 -25.40
CA THR A 446 -11.27 18.27 -25.81
C THR A 446 -12.50 18.48 -24.95
N PHE A 447 -12.83 19.74 -24.68
CA PHE A 447 -13.91 20.05 -23.75
C PHE A 447 -14.70 21.28 -24.21
N THR A 448 -15.93 21.35 -23.72
CA THR A 448 -16.80 22.50 -23.90
C THR A 448 -17.15 23.06 -22.52
N SER A 449 -18.17 23.90 -22.45
CA SER A 449 -18.54 24.50 -21.18
C SER A 449 -19.07 23.45 -20.20
N GLN A 450 -19.82 22.45 -20.70
CA GLN A 450 -20.41 21.44 -19.83
C GLN A 450 -19.99 20.01 -20.14
N THR A 451 -19.06 19.79 -21.07
CA THR A 451 -18.69 18.42 -21.37
C THR A 451 -17.23 18.32 -21.77
N LEU A 452 -16.70 17.11 -21.60
CA LEU A 452 -15.27 16.82 -21.71
C LEU A 452 -15.07 15.44 -22.32
N THR A 453 -14.13 15.32 -23.24
CA THR A 453 -13.82 14.04 -23.88
C THR A 453 -12.51 13.48 -23.35
N LEU A 454 -12.47 12.15 -23.20
CA LEU A 454 -11.29 11.41 -22.79
C LEU A 454 -10.86 10.49 -23.92
N SER A 455 -9.56 10.31 -24.08
CA SER A 455 -9.01 9.48 -25.15
C SER A 455 -8.92 8.04 -24.68
N ILE A 456 -9.82 7.19 -25.17
CA ILE A 456 -9.81 5.77 -24.87
C ILE A 456 -9.07 4.98 -25.94
N ARG A 457 -8.30 5.66 -26.82
CA ARG A 457 -7.62 4.98 -27.90
C ARG A 457 -6.71 3.87 -27.37
N SER A 458 -6.25 4.00 -26.13
CA SER A 458 -5.35 3.02 -25.55
C SER A 458 -6.04 1.71 -25.19
N CYS A 459 -7.34 1.58 -25.40
CA CYS A 459 -8.08 0.39 -25.01
C CYS A 459 -8.36 -0.45 -26.25
N ARG A 460 -7.85 -1.69 -26.25
CA ARG A 460 -8.05 -2.63 -27.35
C ARG A 460 -9.27 -3.52 -27.17
N GLY A 461 -9.93 -3.44 -26.02
CA GLY A 461 -11.15 -4.21 -25.79
C GLY A 461 -12.35 -3.30 -25.66
N THR A 462 -13.17 -3.54 -24.65
CA THR A 462 -14.35 -2.73 -24.37
C THR A 462 -14.13 -1.86 -23.14
N VAL A 463 -14.76 -0.69 -23.14
CA VAL A 463 -14.67 0.25 -22.02
C VAL A 463 -15.83 -0.05 -21.08
N ALA A 464 -15.53 -0.74 -19.98
CA ALA A 464 -16.58 -1.11 -19.03
C ALA A 464 -16.90 0.02 -18.07
N ALA A 465 -15.89 0.73 -17.60
CA ALA A 465 -16.10 1.74 -16.58
C ALA A 465 -15.06 2.85 -16.75
N VAL A 466 -15.32 3.97 -16.10
CA VAL A 466 -14.38 5.07 -16.04
C VAL A 466 -14.45 5.66 -14.64
N ARG A 467 -13.28 6.00 -14.10
CA ARG A 467 -13.19 6.61 -12.79
C ARG A 467 -12.29 7.84 -12.86
N TYR A 468 -12.46 8.72 -11.88
CA TYR A 468 -11.79 10.01 -11.86
C TYR A 468 -11.23 10.24 -10.46
N ALA A 469 -9.91 10.46 -10.40
CA ALA A 469 -9.17 10.84 -9.20
C ALA A 469 -9.07 9.70 -8.20
N TRP A 470 -8.84 8.50 -8.70
CA TRP A 470 -8.75 7.29 -7.85
C TRP A 470 -7.32 7.08 -7.36
N THR A 471 -6.81 8.08 -6.66
CA THR A 471 -5.48 8.05 -6.10
C THR A 471 -5.53 8.50 -4.65
N PRO A 472 -4.58 8.07 -3.82
CA PRO A 472 -4.43 8.76 -2.51
C PRO A 472 -4.14 10.23 -2.67
N TRP A 473 -3.28 10.59 -3.63
CA TRP A 473 -2.93 12.00 -3.88
C TRP A 473 -3.23 12.36 -5.33
N PRO A 474 -4.48 12.66 -5.64
CA PRO A 474 -4.85 13.00 -7.03
C PRO A 474 -4.49 14.41 -7.47
N CYS A 475 -4.58 15.40 -6.58
CA CYS A 475 -4.32 16.78 -6.97
C CYS A 475 -3.39 17.47 -5.98
N GLU A 476 -2.74 18.51 -6.48
CA GLU A 476 -1.98 19.44 -5.64
C GLU A 476 -2.89 20.56 -5.16
N TYR A 477 -2.41 21.33 -4.20
CA TYR A 477 -3.27 22.26 -3.49
C TYR A 477 -3.98 23.22 -4.44
N LYS A 478 -5.29 23.03 -4.58
CA LYS A 478 -6.13 23.84 -5.46
C LYS A 478 -5.58 23.86 -6.88
N GLN A 479 -4.91 22.78 -7.25
CA GLN A 479 -4.49 22.55 -8.63
C GLN A 479 -5.08 21.21 -9.08
N CYS A 480 -6.38 20.99 -8.82
CA CYS A 480 -7.12 19.93 -9.48
C CYS A 480 -7.44 20.37 -10.91
N PRO A 481 -7.71 19.42 -11.81
CA PRO A 481 -7.94 19.80 -13.20
C PRO A 481 -9.34 20.37 -13.46
N LEU A 482 -10.31 20.03 -12.63
CA LEU A 482 -11.71 20.34 -12.91
C LEU A 482 -12.38 21.00 -11.71
N TYR A 483 -13.07 22.11 -11.98
CA TYR A 483 -13.79 22.87 -10.96
C TYR A 483 -15.05 23.44 -11.59
N HIS A 484 -16.09 23.61 -10.79
CA HIS A 484 -17.20 24.46 -11.22
C HIS A 484 -16.72 25.91 -11.18
N PRO A 485 -16.91 26.68 -12.23
CA PRO A 485 -16.33 28.02 -12.24
C PRO A 485 -16.97 28.97 -11.23
N SER A 486 -18.30 29.03 -11.19
CA SER A 486 -18.97 30.01 -10.34
C SER A 486 -18.73 29.73 -8.86
N SER A 487 -18.81 28.47 -8.44
CA SER A 487 -18.74 28.11 -7.02
C SER A 487 -17.33 27.79 -6.55
N ALA A 488 -16.38 27.59 -7.47
CA ALA A 488 -14.99 27.27 -7.11
C ALA A 488 -14.89 25.95 -6.35
N LEU A 489 -15.80 25.02 -6.63
CA LEU A 489 -15.78 23.74 -5.95
C LEU A 489 -15.16 22.67 -6.82
N PRO A 490 -14.37 21.76 -6.29
CA PRO A 490 -13.72 20.75 -7.13
C PRO A 490 -14.71 19.68 -7.57
N ALA A 491 -14.42 19.11 -8.74
CA ALA A 491 -15.17 17.96 -9.22
C ALA A 491 -14.85 16.77 -8.32
N PRO A 492 -15.83 16.13 -7.70
CA PRO A 492 -15.54 15.03 -6.77
C PRO A 492 -15.04 13.79 -7.50
N PRO A 493 -14.36 12.89 -6.81
CA PRO A 493 -13.94 11.63 -7.43
C PRO A 493 -15.16 10.80 -7.76
N PHE A 494 -14.98 9.88 -8.72
CA PHE A 494 -16.15 9.05 -9.03
C PHE A 494 -15.72 7.78 -9.73
N LEU A 495 -16.63 6.80 -9.69
CA LEU A 495 -16.52 5.59 -10.48
C LEU A 495 -17.87 5.34 -11.12
N ALA A 496 -17.90 5.26 -12.44
CA ALA A 496 -19.13 5.04 -13.18
C ALA A 496 -18.94 3.86 -14.13
N PHE A 497 -19.99 3.06 -14.28
CA PHE A 497 -19.97 1.93 -15.20
C PHE A 497 -20.65 2.31 -16.51
N ILE A 498 -20.21 1.67 -17.59
CA ILE A 498 -20.76 1.87 -18.92
C ILE A 498 -21.75 0.74 -19.20
N THR A 499 -22.97 1.11 -19.59
CA THR A 499 -24.02 0.11 -19.80
C THR A 499 -24.53 0.11 -21.24
N HIS B 5 6.90 -31.67 -44.25
CA HIS B 5 6.05 -32.56 -43.47
C HIS B 5 6.03 -32.22 -41.98
N HIS B 6 4.87 -32.41 -41.33
CA HIS B 6 4.74 -32.11 -39.91
C HIS B 6 5.60 -33.04 -39.06
N HIS B 7 5.72 -34.30 -39.47
CA HIS B 7 6.51 -35.27 -38.74
C HIS B 7 7.94 -35.35 -39.27
N HIS B 8 8.82 -35.87 -38.44
CA HIS B 8 10.13 -36.27 -38.89
C HIS B 8 10.04 -37.68 -39.46
N LYS B 9 11.11 -38.12 -40.13
CA LYS B 9 11.18 -39.51 -40.55
C LYS B 9 11.35 -40.44 -39.36
N LEU B 10 12.23 -40.08 -38.45
CA LEU B 10 12.57 -40.88 -37.28
C LEU B 10 11.91 -40.25 -36.06
N ILE B 11 11.08 -41.03 -35.36
CA ILE B 11 10.26 -40.51 -34.27
C ILE B 11 10.65 -41.11 -32.92
N GLY B 12 10.94 -42.41 -32.88
CA GLY B 12 11.11 -43.04 -31.60
C GLY B 12 12.47 -42.83 -30.97
N PHE B 13 13.42 -42.26 -31.70
CA PHE B 13 14.78 -42.06 -31.23
C PHE B 13 15.15 -40.60 -31.43
N ARG B 14 15.33 -39.88 -30.33
CA ARG B 14 15.62 -38.46 -30.38
C ARG B 14 16.33 -38.07 -29.09
N PHE B 15 17.03 -36.94 -29.15
CA PHE B 15 17.63 -36.36 -27.95
C PHE B 15 16.57 -35.71 -27.08
N ALA B 16 16.92 -35.47 -25.82
CA ALA B 16 16.06 -34.69 -24.96
C ALA B 16 16.01 -33.25 -25.45
N SER B 17 14.96 -32.53 -25.04
CA SER B 17 14.67 -31.22 -25.62
C SER B 17 15.81 -30.22 -25.45
N TYR B 18 16.59 -30.32 -24.39
CA TYR B 18 17.63 -29.32 -24.17
C TYR B 18 18.83 -29.50 -25.08
N ILE B 19 18.90 -30.61 -25.82
CA ILE B 19 20.02 -30.90 -26.71
C ILE B 19 19.67 -30.43 -28.11
N ASP B 20 20.59 -29.72 -28.76
CA ASP B 20 20.36 -29.31 -30.13
C ASP B 20 21.66 -28.78 -30.71
N ASN B 21 21.62 -28.47 -32.00
CA ASN B 21 22.80 -27.90 -32.62
C ASN B 21 23.15 -26.57 -31.97
N TYR B 22 24.45 -26.30 -31.92
CA TYR B 22 25.03 -25.07 -31.40
C TYR B 22 24.91 -24.95 -29.88
N MET B 23 24.55 -26.03 -29.19
CA MET B 23 24.33 -25.92 -27.76
C MET B 23 25.67 -25.80 -27.03
N VAL B 24 25.59 -25.72 -25.71
CA VAL B 24 26.75 -25.71 -24.83
C VAL B 24 26.54 -26.74 -23.74
N LEU B 25 27.53 -27.60 -23.53
CA LEU B 25 27.50 -28.61 -22.48
C LEU B 25 28.53 -28.25 -21.42
N GLN B 26 28.21 -28.58 -20.17
CA GLN B 26 29.05 -28.17 -19.07
C GLN B 26 30.45 -28.79 -19.18
N LYS B 27 31.46 -27.99 -18.87
CA LYS B 27 32.85 -28.38 -19.07
C LYS B 27 33.36 -29.18 -17.87
N GLU B 28 34.64 -29.53 -17.94
CA GLU B 28 35.36 -30.18 -16.84
C GLU B 28 35.20 -29.35 -15.57
N PRO B 29 35.30 -29.96 -14.38
CA PRO B 29 35.54 -31.38 -14.09
C PRO B 29 34.29 -32.23 -14.10
N ALA B 30 33.16 -31.66 -14.52
CA ALA B 30 31.93 -32.42 -14.60
C ALA B 30 31.82 -33.11 -15.96
N GLY B 31 30.95 -34.11 -16.00
CA GLY B 31 30.67 -34.85 -17.22
C GLY B 31 29.34 -34.39 -17.79
N ALA B 32 29.34 -34.16 -19.10
CA ALA B 32 28.11 -33.76 -19.77
C ALA B 32 27.13 -34.92 -19.79
N VAL B 33 25.88 -34.65 -19.41
CA VAL B 33 24.83 -35.66 -19.46
C VAL B 33 24.15 -35.58 -20.81
N ILE B 34 23.99 -36.75 -21.45
CA ILE B 34 23.28 -36.84 -22.72
C ILE B 34 22.18 -37.86 -22.51
N TRP B 35 20.93 -37.42 -22.66
CA TRP B 35 19.81 -38.35 -22.52
C TRP B 35 18.76 -38.02 -23.58
N GLY B 36 17.93 -39.02 -23.85
CA GLY B 36 16.93 -38.90 -24.87
C GLY B 36 15.94 -40.03 -24.78
N PHE B 37 15.18 -40.21 -25.85
CA PHE B 37 14.16 -41.25 -25.90
C PHE B 37 14.53 -42.31 -26.93
N GLY B 38 14.06 -43.53 -26.69
CA GLY B 38 14.34 -44.63 -27.60
C GLY B 38 13.42 -45.79 -27.34
N ILE B 39 13.52 -46.78 -28.23
CA ILE B 39 12.66 -47.96 -28.17
C ILE B 39 13.19 -48.93 -27.12
N PRO B 40 12.33 -49.54 -26.30
CA PRO B 40 12.80 -50.53 -25.34
C PRO B 40 13.70 -51.59 -25.96
N GLY B 41 14.65 -52.07 -25.17
CA GLY B 41 15.54 -53.12 -25.61
C GLY B 41 16.66 -52.67 -26.52
N ALA B 42 16.58 -51.44 -27.05
CA ALA B 42 17.65 -50.96 -27.89
C ALA B 42 18.89 -50.70 -27.05
N THR B 43 20.03 -50.69 -27.72
CA THR B 43 21.27 -50.27 -27.09
C THR B 43 21.73 -48.98 -27.77
N VAL B 44 21.98 -47.95 -26.96
CA VAL B 44 22.30 -46.63 -27.46
C VAL B 44 23.79 -46.37 -27.26
N THR B 45 24.44 -45.91 -28.31
CA THR B 45 25.85 -45.57 -28.29
C THR B 45 25.98 -44.10 -28.63
N VAL B 46 26.49 -43.31 -27.68
CA VAL B 46 26.77 -41.90 -27.90
C VAL B 46 28.25 -41.77 -28.23
N THR B 47 28.53 -41.06 -29.31
CA THR B 47 29.89 -40.87 -29.82
C THR B 47 30.15 -39.37 -29.95
N LEU B 48 31.09 -38.87 -29.15
CA LEU B 48 31.55 -37.50 -29.27
C LEU B 48 32.69 -37.47 -30.26
N CYS B 49 32.50 -36.70 -31.33
CA CYS B 49 33.43 -36.61 -32.45
C CYS B 49 33.91 -35.18 -32.59
N GLN B 50 35.16 -35.03 -32.99
CA GLN B 50 35.73 -33.76 -33.40
C GLN B 50 35.99 -33.94 -34.89
N GLY B 51 35.05 -33.47 -35.71
CA GLY B 51 35.16 -33.73 -37.13
C GLY B 51 35.10 -35.22 -37.38
N GLN B 52 36.15 -35.73 -38.05
CA GLN B 52 36.20 -37.13 -38.44
C GLN B 52 36.63 -38.04 -37.30
N GLN B 53 37.18 -37.50 -36.23
CA GLN B 53 37.79 -38.30 -35.17
C GLN B 53 36.82 -38.44 -34.02
N ALA B 54 36.53 -39.67 -33.64
CA ALA B 54 35.70 -39.95 -32.48
C ALA B 54 36.56 -39.83 -31.23
N ILE B 55 36.13 -38.99 -30.30
CA ILE B 55 36.92 -38.70 -29.12
C ILE B 55 36.42 -39.50 -27.93
N MET B 56 35.15 -39.86 -27.93
CA MET B 56 34.60 -40.46 -26.73
C MET B 56 33.40 -41.31 -27.10
N LYS B 57 33.25 -42.46 -26.43
CA LYS B 57 32.10 -43.32 -26.66
C LYS B 57 31.55 -43.79 -25.33
N LYS B 58 30.22 -43.76 -25.23
CA LYS B 58 29.50 -44.23 -24.06
C LYS B 58 28.35 -45.10 -24.55
N VAL B 59 27.98 -46.09 -23.76
CA VAL B 59 26.99 -47.07 -24.17
C VAL B 59 26.01 -47.34 -23.04
N THR B 60 24.73 -47.40 -23.39
CA THR B 60 23.67 -47.71 -22.45
C THR B 60 22.60 -48.51 -23.19
N SER B 61 21.50 -48.79 -22.49
CA SER B 61 20.38 -49.50 -23.09
C SER B 61 19.10 -48.92 -22.53
N VAL B 62 18.01 -49.12 -23.27
CA VAL B 62 16.69 -48.66 -22.86
C VAL B 62 15.99 -49.81 -22.15
N LYS B 63 15.82 -49.68 -20.83
CA LYS B 63 15.31 -50.77 -20.03
C LYS B 63 13.88 -51.15 -20.46
N ALA B 64 13.42 -52.28 -19.90
CA ALA B 64 12.28 -53.03 -20.41
C ALA B 64 11.07 -52.16 -20.74
N HIS B 65 10.38 -51.65 -19.72
CA HIS B 65 9.17 -50.88 -19.96
C HIS B 65 9.42 -49.39 -19.83
N THR B 66 10.64 -48.95 -20.10
CA THR B 66 11.00 -47.55 -20.17
C THR B 66 11.15 -47.16 -21.63
N ASN B 67 11.15 -45.85 -21.88
CA ASN B 67 11.39 -45.35 -23.23
C ASN B 67 12.44 -44.25 -23.24
N THR B 68 13.33 -44.21 -22.24
CA THR B 68 14.38 -43.20 -22.17
C THR B 68 15.73 -43.88 -22.05
N TRP B 69 16.77 -43.10 -22.35
CA TRP B 69 18.14 -43.56 -22.24
C TRP B 69 19.04 -42.39 -21.84
N MET B 70 20.13 -42.71 -21.15
CA MET B 70 21.05 -41.67 -20.68
C MET B 70 22.47 -42.21 -20.53
N VAL B 71 23.43 -41.37 -20.90
CA VAL B 71 24.84 -41.59 -20.62
C VAL B 71 25.38 -40.33 -19.96
N VAL B 72 26.53 -40.49 -19.32
CA VAL B 72 27.30 -39.37 -18.78
C VAL B 72 28.64 -39.35 -19.50
N LEU B 73 28.92 -38.26 -20.19
CA LEU B 73 30.19 -38.12 -20.88
C LEU B 73 31.34 -37.94 -19.88
N ASP B 74 32.53 -38.10 -20.40
CA ASP B 74 33.71 -37.79 -19.62
C ASP B 74 33.93 -36.29 -19.59
N PRO B 75 34.62 -35.79 -18.57
CA PRO B 75 34.85 -34.35 -18.50
C PRO B 75 35.62 -33.89 -19.72
N MET B 76 35.34 -32.66 -20.14
CA MET B 76 35.90 -32.10 -21.35
C MET B 76 36.44 -30.71 -21.10
N LYS B 77 37.46 -30.37 -21.85
CA LYS B 77 38.01 -29.03 -21.73
C LYS B 77 37.18 -28.06 -22.55
N PRO B 78 36.97 -26.84 -22.05
CA PRO B 78 36.14 -25.89 -22.77
C PRO B 78 36.71 -25.63 -24.16
N GLY B 79 35.81 -25.55 -25.13
CA GLY B 79 36.19 -25.29 -26.51
C GLY B 79 35.22 -25.98 -27.45
N GLY B 80 35.66 -26.09 -28.70
CA GLY B 80 34.86 -26.71 -29.73
C GLY B 80 35.36 -26.37 -31.10
N PRO B 81 34.54 -26.63 -32.13
CA PRO B 81 33.22 -27.26 -32.05
C PRO B 81 33.35 -28.76 -31.92
N TYR B 82 32.24 -29.42 -31.58
CA TYR B 82 32.18 -30.86 -31.49
C TYR B 82 30.87 -31.30 -32.12
N GLU B 83 30.79 -32.60 -32.38
CA GLU B 83 29.58 -33.23 -32.86
C GLU B 83 29.23 -34.35 -31.90
N VAL B 84 27.96 -34.47 -31.58
CA VAL B 84 27.46 -35.54 -30.73
C VAL B 84 26.56 -36.43 -31.58
N MET B 85 26.88 -37.70 -31.61
CA MET B 85 26.06 -38.68 -32.31
C MET B 85 25.45 -39.62 -31.29
N ALA B 86 24.24 -40.07 -31.58
CA ALA B 86 23.60 -41.12 -30.82
C ALA B 86 23.11 -42.15 -31.83
N GLN B 87 23.38 -43.42 -31.54
CA GLN B 87 22.94 -44.50 -32.41
C GLN B 87 22.15 -45.51 -31.60
N GLN B 88 20.94 -45.80 -32.07
CA GLN B 88 20.04 -46.79 -31.50
C GLN B 88 20.23 -48.06 -32.31
N SER B 89 20.75 -49.09 -31.64
CA SER B 89 20.95 -50.40 -32.24
C SER B 89 19.83 -51.28 -31.73
N LEU B 90 18.89 -51.58 -32.61
CA LEU B 90 17.67 -52.28 -32.30
C LEU B 90 17.68 -53.56 -33.12
N TRP B 91 18.28 -54.60 -32.55
CA TRP B 91 18.32 -55.89 -33.22
C TRP B 91 18.90 -55.68 -34.62
N SER B 92 18.16 -55.92 -35.68
CA SER B 92 18.77 -55.87 -37.01
C SER B 92 18.89 -54.47 -37.60
N ARG B 93 18.35 -53.44 -36.96
CA ARG B 93 18.35 -52.11 -37.56
C ARG B 93 19.05 -51.07 -36.69
N ASN B 94 19.64 -50.08 -37.36
CA ASN B 94 20.32 -48.98 -36.72
C ASN B 94 19.67 -47.67 -37.10
N PHE B 95 19.58 -46.75 -36.13
CA PHE B 95 19.06 -45.41 -36.36
C PHE B 95 19.96 -44.41 -35.66
N THR B 96 20.31 -43.31 -36.35
CA THR B 96 21.23 -42.36 -35.74
C THR B 96 20.67 -40.94 -35.79
N VAL B 97 20.99 -40.16 -34.76
CA VAL B 97 20.71 -38.73 -34.70
C VAL B 97 22.00 -38.01 -34.32
N GLN B 98 22.19 -36.81 -34.86
CA GLN B 98 23.44 -36.09 -34.71
C GLN B 98 23.15 -34.62 -34.48
N VAL B 99 23.85 -34.02 -33.51
CA VAL B 99 23.84 -32.57 -33.33
C VAL B 99 25.27 -32.08 -33.50
N HIS B 100 25.40 -30.94 -34.15
CA HIS B 100 26.71 -30.42 -34.49
C HIS B 100 26.92 -29.06 -33.84
N ASP B 101 28.13 -28.52 -34.02
CA ASP B 101 28.52 -27.22 -33.46
C ASP B 101 28.34 -27.17 -31.95
N VAL B 102 28.58 -28.28 -31.27
CA VAL B 102 28.43 -28.32 -29.82
C VAL B 102 29.70 -27.80 -29.17
N LEU B 103 29.52 -27.00 -28.14
CA LEU B 103 30.62 -26.43 -27.37
C LEU B 103 30.59 -26.96 -25.94
N PHE B 104 31.75 -26.92 -25.30
CA PHE B 104 31.85 -27.21 -23.87
C PHE B 104 32.25 -25.94 -23.16
N GLY B 105 31.55 -25.64 -22.06
CA GLY B 105 31.80 -24.42 -21.31
C GLY B 105 31.02 -24.36 -20.02
N ASP B 106 30.49 -23.20 -19.69
CA ASP B 106 29.71 -23.00 -18.48
C ASP B 106 28.26 -22.75 -18.85
N VAL B 107 27.35 -23.50 -18.23
CA VAL B 107 25.92 -23.41 -18.53
C VAL B 107 25.22 -22.74 -17.35
N TRP B 108 24.54 -21.63 -17.67
CA TRP B 108 23.84 -20.81 -16.70
C TRP B 108 22.37 -20.79 -17.05
N LEU B 109 21.53 -21.08 -16.06
CA LEU B 109 20.09 -21.06 -16.20
C LEU B 109 19.54 -19.78 -15.57
N CYS B 110 18.87 -18.97 -16.38
CA CYS B 110 18.31 -17.70 -15.95
C CYS B 110 16.80 -17.83 -15.76
N SER B 111 16.32 -17.44 -14.58
CA SER B 111 14.92 -17.57 -14.25
C SER B 111 14.48 -16.38 -13.42
N GLY B 112 13.16 -16.30 -13.20
CA GLY B 112 12.58 -15.19 -12.48
C GLY B 112 11.33 -14.68 -13.15
N GLN B 113 11.01 -13.41 -12.94
CA GLN B 113 9.82 -12.83 -13.54
C GLN B 113 10.22 -11.72 -14.50
N SER B 114 9.39 -10.68 -14.61
CA SER B 114 9.43 -9.84 -15.79
C SER B 114 10.78 -9.16 -15.98
N ASN B 115 11.51 -8.90 -14.90
CA ASN B 115 12.79 -8.21 -15.06
C ASN B 115 13.90 -9.12 -15.56
N MET B 116 13.76 -10.43 -15.40
CA MET B 116 14.57 -11.35 -16.17
C MET B 116 14.03 -11.47 -17.59
N GLN B 117 12.70 -11.58 -17.74
CA GLN B 117 12.10 -11.74 -19.06
C GLN B 117 12.40 -10.56 -19.98
N MET B 118 12.62 -9.38 -19.40
CA MET B 118 12.86 -8.19 -20.20
C MET B 118 14.10 -8.37 -21.08
N THR B 119 13.94 -8.13 -22.38
CA THR B 119 14.91 -8.49 -23.39
C THR B 119 15.83 -7.33 -23.79
N VAL B 120 16.86 -7.67 -24.56
CA VAL B 120 17.86 -6.71 -25.01
C VAL B 120 17.24 -5.61 -25.86
N LEU B 121 16.05 -5.84 -26.40
CA LEU B 121 15.43 -4.82 -27.23
C LEU B 121 15.00 -3.62 -26.40
N GLN B 122 14.68 -3.84 -25.13
CA GLN B 122 14.00 -2.85 -24.31
C GLN B 122 14.93 -2.05 -23.41
N ILE B 123 16.24 -2.30 -23.46
CA ILE B 123 17.14 -1.81 -22.45
C ILE B 123 17.86 -0.56 -22.94
N PHE B 124 18.54 0.10 -22.01
CA PHE B 124 19.36 1.28 -22.31
C PHE B 124 20.35 0.96 -23.41
N ASN B 125 20.42 1.84 -24.40
CA ASN B 125 21.39 1.72 -25.49
C ASN B 125 21.18 0.42 -26.26
N ALA B 126 19.92 0.14 -26.59
CA ALA B 126 19.55 -1.16 -27.13
C ALA B 126 20.25 -1.43 -28.46
N VAL B 127 20.35 -0.42 -29.32
CA VAL B 127 20.87 -0.65 -30.68
C VAL B 127 22.30 -1.17 -30.61
N ARG B 128 23.16 -0.48 -29.86
CA ARG B 128 24.54 -0.96 -29.73
C ARG B 128 24.57 -2.36 -29.13
N GLU B 129 23.80 -2.59 -28.07
CA GLU B 129 23.88 -3.88 -27.39
C GLU B 129 23.42 -5.02 -28.28
N LEU B 130 22.53 -4.73 -29.23
CA LEU B 130 22.09 -5.73 -30.21
C LEU B 130 23.08 -5.90 -31.35
N SER B 131 23.81 -4.86 -31.71
CA SER B 131 24.72 -4.93 -32.84
C SER B 131 26.07 -5.52 -32.47
N ASP B 132 26.49 -5.42 -31.21
CA ASP B 132 27.85 -5.78 -30.83
C ASP B 132 28.01 -7.27 -30.59
N THR B 133 27.30 -8.09 -31.35
CA THR B 133 27.29 -9.54 -31.17
C THR B 133 28.52 -10.23 -31.72
N ALA B 134 29.38 -9.51 -32.45
CA ALA B 134 30.44 -10.16 -33.22
C ALA B 134 31.36 -10.99 -32.35
N ALA B 135 31.84 -10.42 -31.25
CA ALA B 135 32.89 -11.04 -30.46
C ALA B 135 32.39 -12.14 -29.54
N TYR B 136 31.09 -12.41 -29.52
CA TYR B 136 30.49 -13.28 -28.51
C TYR B 136 29.75 -14.44 -29.14
N GLN B 137 30.27 -14.97 -30.25
CA GLN B 137 29.59 -16.08 -30.90
C GLN B 137 29.71 -17.37 -30.12
N SER B 138 30.69 -17.50 -29.22
CA SER B 138 30.77 -18.66 -28.34
C SER B 138 29.85 -18.56 -27.14
N VAL B 139 28.98 -17.55 -27.10
CA VAL B 139 27.92 -17.44 -26.10
C VAL B 139 26.62 -17.86 -26.77
N ARG B 140 26.05 -18.96 -26.31
CA ARG B 140 24.91 -19.59 -26.97
C ARG B 140 23.65 -19.37 -26.14
N LEU B 141 22.52 -19.23 -26.84
CA LEU B 141 21.28 -18.79 -26.23
C LEU B 141 20.17 -19.80 -26.47
N LEU B 142 19.36 -20.03 -25.44
CA LEU B 142 18.14 -20.81 -25.59
C LEU B 142 17.07 -20.21 -24.69
N SER B 143 15.91 -19.87 -25.24
CA SER B 143 14.79 -19.35 -24.47
C SER B 143 13.71 -20.40 -24.41
N VAL B 144 13.24 -20.70 -23.19
CA VAL B 144 12.17 -21.67 -23.01
C VAL B 144 10.82 -20.98 -23.18
N SER B 145 9.85 -21.74 -23.68
CA SER B 145 8.52 -21.21 -23.93
C SER B 145 7.73 -21.16 -22.63
N LEU B 146 6.76 -20.25 -22.60
CA LEU B 146 5.87 -20.16 -21.46
C LEU B 146 4.90 -21.33 -21.54
N THR B 147 5.06 -22.30 -20.65
CA THR B 147 4.13 -23.41 -20.52
C THR B 147 3.95 -23.68 -19.03
N GLU B 148 2.76 -24.14 -18.67
CA GLU B 148 2.42 -24.44 -17.29
C GLU B 148 1.76 -25.80 -17.22
N ALA B 149 2.01 -26.52 -16.13
CA ALA B 149 1.51 -27.88 -15.99
C ALA B 149 1.29 -28.22 -14.52
N GLU B 150 0.29 -29.04 -14.27
CA GLU B 150 -0.04 -29.44 -12.91
C GLU B 150 0.76 -30.65 -12.43
N GLU B 151 1.66 -31.19 -13.26
CA GLU B 151 2.55 -32.25 -12.81
C GLU B 151 3.87 -32.13 -13.55
N GLU B 152 4.94 -32.65 -12.91
CA GLU B 152 6.28 -32.49 -13.44
C GLU B 152 6.39 -33.11 -14.83
N LEU B 153 7.05 -32.40 -15.74
CA LEU B 153 7.23 -32.85 -17.11
C LEU B 153 8.64 -33.39 -17.31
N GLN B 154 8.73 -34.51 -18.04
CA GLN B 154 10.05 -35.10 -18.28
C GLN B 154 10.85 -34.29 -19.28
N ASP B 155 10.19 -33.72 -20.28
CA ASP B 155 10.83 -32.98 -21.35
C ASP B 155 10.11 -31.65 -21.55
N LEU B 156 10.82 -30.67 -22.07
CA LEU B 156 10.22 -29.36 -22.30
C LEU B 156 9.08 -29.48 -23.30
N ASN B 157 8.01 -28.74 -23.04
CA ASN B 157 6.88 -28.76 -23.96
C ASN B 157 7.20 -28.00 -25.23
N ALA B 158 7.86 -26.86 -25.12
CA ALA B 158 8.13 -26.03 -26.28
C ALA B 158 9.27 -25.09 -25.97
N VAL B 159 9.93 -24.62 -27.04
CA VAL B 159 11.09 -23.75 -26.95
C VAL B 159 10.91 -22.59 -27.92
N ASP B 160 10.96 -21.36 -27.38
CA ASP B 160 10.77 -20.18 -28.22
C ASP B 160 11.99 -19.93 -29.10
N LEU B 161 13.19 -20.04 -28.53
CA LEU B 161 14.44 -19.82 -29.25
C LEU B 161 15.34 -21.02 -29.04
N GLN B 162 15.68 -21.72 -30.13
CA GLN B 162 16.53 -22.88 -30.01
C GLN B 162 17.99 -22.44 -29.96
N TRP B 163 18.84 -23.32 -29.43
CA TRP B 163 20.25 -22.99 -29.25
C TRP B 163 20.77 -22.22 -30.46
N SER B 164 21.27 -21.01 -30.22
CA SER B 164 21.63 -20.11 -31.30
C SER B 164 22.84 -19.30 -30.91
N LYS B 165 23.63 -18.95 -31.91
CA LYS B 165 24.60 -17.89 -31.73
C LYS B 165 23.86 -16.56 -31.65
N PRO B 166 24.36 -15.60 -30.88
CA PRO B 166 23.62 -14.36 -30.69
C PRO B 166 23.61 -13.55 -31.97
N THR B 167 22.45 -13.01 -32.28
CA THR B 167 22.27 -12.06 -33.37
C THR B 167 21.40 -10.92 -32.89
N LYS B 168 21.42 -9.83 -33.66
CA LYS B 168 20.49 -8.74 -33.39
C LYS B 168 19.06 -9.25 -33.36
N GLU B 169 18.74 -10.20 -34.23
CA GLU B 169 17.35 -10.59 -34.41
C GLU B 169 16.84 -11.42 -33.25
N ASN B 170 17.67 -12.31 -32.71
CA ASN B 170 17.20 -13.16 -31.62
C ASN B 170 17.54 -12.60 -30.24
N LEU B 171 18.50 -11.69 -30.14
CA LEU B 171 18.72 -11.01 -28.85
C LEU B 171 17.55 -10.10 -28.53
N GLY B 172 17.08 -9.33 -29.51
CA GLY B 172 15.97 -8.42 -29.32
C GLY B 172 14.81 -8.69 -30.25
N ASN B 173 14.08 -9.76 -29.98
CA ASN B 173 12.88 -10.13 -30.73
C ASN B 173 11.70 -9.73 -29.85
N GLY B 174 11.07 -8.62 -30.19
CA GLY B 174 9.92 -8.17 -29.42
C GLY B 174 10.20 -7.83 -27.95
N ASP B 175 9.11 -7.56 -27.23
CA ASP B 175 9.18 -7.16 -25.83
C ASP B 175 8.82 -8.35 -24.95
N PHE B 176 9.67 -8.64 -23.98
CA PHE B 176 9.43 -9.73 -23.01
C PHE B 176 9.29 -11.08 -23.72
N THR B 177 10.15 -11.32 -24.70
CA THR B 177 10.13 -12.58 -25.44
C THR B 177 11.51 -13.22 -25.46
N TYR B 178 12.39 -12.72 -26.33
CA TYR B 178 13.62 -13.42 -26.69
C TYR B 178 14.83 -12.85 -25.99
N MET B 179 15.48 -13.71 -25.21
CA MET B 179 16.73 -13.44 -24.51
C MET B 179 16.65 -12.25 -23.58
N SER B 180 16.58 -12.57 -22.30
CA SER B 180 16.71 -11.57 -21.25
C SER B 180 17.92 -10.71 -21.52
N ALA B 181 17.81 -9.43 -21.19
CA ALA B 181 18.99 -8.60 -21.21
C ALA B 181 19.90 -8.96 -20.05
N VAL B 182 19.31 -9.32 -18.90
CA VAL B 182 20.10 -9.59 -17.71
C VAL B 182 21.00 -10.80 -17.95
N CYS B 183 20.41 -11.92 -18.36
CA CYS B 183 21.18 -13.12 -18.69
C CYS B 183 22.18 -12.85 -19.80
N TRP B 184 21.75 -12.18 -20.88
CA TRP B 184 22.65 -11.97 -22.00
C TRP B 184 23.88 -11.19 -21.57
N LEU B 185 23.67 -10.06 -20.88
CA LEU B 185 24.78 -9.21 -20.48
C LEU B 185 25.64 -9.91 -19.43
N PHE B 186 25.01 -10.67 -18.54
CA PHE B 186 25.77 -11.42 -17.55
C PHE B 186 26.67 -12.43 -18.24
N GLY B 187 26.14 -13.14 -19.23
CA GLY B 187 26.95 -14.10 -19.96
C GLY B 187 28.00 -13.44 -20.79
N ARG B 188 27.70 -12.25 -21.31
CA ARG B 188 28.67 -11.50 -22.10
C ARG B 188 29.84 -11.04 -21.25
N TYR B 189 29.56 -10.51 -20.06
CA TYR B 189 30.64 -10.08 -19.17
C TYR B 189 31.39 -11.29 -18.63
N LEU B 190 30.68 -12.38 -18.33
CA LEU B 190 31.33 -13.61 -17.92
C LEU B 190 32.24 -14.14 -19.03
N TYR B 191 31.87 -13.93 -20.29
CA TYR B 191 32.75 -14.37 -21.37
C TYR B 191 33.95 -13.45 -21.49
N ASP B 192 33.72 -12.14 -21.44
CA ASP B 192 34.81 -11.19 -21.39
C ASP B 192 35.86 -11.67 -20.39
N THR B 193 35.39 -12.14 -19.22
CA THR B 193 36.33 -12.58 -18.18
C THR B 193 36.92 -13.95 -18.51
N LEU B 194 36.08 -14.96 -18.75
CA LEU B 194 36.51 -16.34 -18.83
C LEU B 194 37.10 -16.71 -20.19
N GLN B 195 36.62 -16.06 -21.25
CA GLN B 195 37.09 -16.33 -22.61
C GLN B 195 36.97 -17.81 -22.94
N TYR B 196 35.79 -18.37 -22.67
CA TYR B 196 35.47 -19.72 -23.13
C TYR B 196 33.96 -19.87 -23.18
N PRO B 197 33.46 -20.87 -23.92
CA PRO B 197 32.03 -20.89 -24.27
C PRO B 197 31.12 -20.78 -23.05
N ILE B 198 30.06 -19.99 -23.22
CA ILE B 198 29.04 -19.82 -22.20
C ILE B 198 27.70 -20.16 -22.83
N GLY B 199 26.87 -20.89 -22.08
CA GLY B 199 25.54 -21.23 -22.54
C GLY B 199 24.50 -20.66 -21.59
N LEU B 200 23.52 -19.93 -22.14
CA LEU B 200 22.53 -19.22 -21.35
C LEU B 200 21.14 -19.75 -21.71
N ILE B 201 20.43 -20.27 -20.70
CA ILE B 201 19.09 -20.81 -20.88
C ILE B 201 18.10 -19.96 -20.09
N SER B 202 17.22 -19.24 -20.81
CA SER B 202 16.26 -18.32 -20.22
C SER B 202 14.91 -19.00 -20.09
N SER B 203 14.48 -19.24 -18.85
CA SER B 203 13.20 -19.84 -18.55
C SER B 203 12.55 -18.96 -17.50
N CYS B 204 11.72 -18.02 -17.94
CA CYS B 204 11.13 -17.08 -17.00
C CYS B 204 9.80 -16.56 -17.56
N TRP B 205 8.94 -16.15 -16.63
CA TRP B 205 7.61 -15.64 -16.93
C TRP B 205 7.32 -14.48 -16.00
N GLY B 206 6.92 -13.34 -16.57
CA GLY B 206 6.62 -12.18 -15.78
C GLY B 206 5.37 -12.33 -14.92
N GLY B 207 5.38 -11.65 -13.79
CA GLY B 207 4.22 -11.62 -12.91
C GLY B 207 4.05 -12.84 -12.03
N THR B 208 5.12 -13.61 -11.82
CA THR B 208 4.97 -14.90 -11.16
C THR B 208 5.58 -14.87 -9.76
N PRO B 209 4.87 -15.35 -8.75
CA PRO B 209 5.47 -15.49 -7.42
C PRO B 209 6.38 -16.71 -7.38
N ILE B 210 7.21 -16.75 -6.34
CA ILE B 210 8.21 -17.80 -6.24
C ILE B 210 7.55 -19.15 -6.08
N GLU B 211 6.34 -19.20 -5.52
CA GLU B 211 5.66 -20.47 -5.38
C GLU B 211 5.55 -21.18 -6.73
N ALA B 212 5.27 -20.41 -7.79
CA ALA B 212 5.15 -21.01 -9.10
C ALA B 212 6.44 -21.73 -9.54
N TRP B 213 7.59 -21.22 -9.10
CA TRP B 213 8.88 -21.75 -9.55
C TRP B 213 9.48 -22.78 -8.60
N SER B 214 8.82 -23.06 -7.48
CA SER B 214 9.35 -23.98 -6.49
C SER B 214 8.70 -25.36 -6.64
N SER B 215 9.41 -26.39 -6.23
CA SER B 215 8.87 -27.73 -6.22
C SER B 215 7.94 -27.90 -5.02
N GLU B 216 7.28 -29.06 -4.96
CA GLU B 216 6.46 -29.38 -3.79
C GLU B 216 7.31 -29.47 -2.53
N ARG B 217 8.56 -29.87 -2.68
CA ARG B 217 9.39 -30.18 -1.51
C ARG B 217 9.73 -28.92 -0.73
N SER B 218 10.28 -27.91 -1.41
CA SER B 218 10.63 -26.68 -0.73
C SER B 218 9.40 -25.99 -0.18
N LEU B 219 8.30 -25.97 -0.95
CA LEU B 219 7.07 -25.34 -0.48
C LEU B 219 6.54 -26.00 0.78
N LYS B 220 6.58 -27.35 0.83
CA LYS B 220 6.17 -28.04 2.04
C LYS B 220 7.09 -27.68 3.21
N ALA B 221 8.40 -27.66 2.96
CA ALA B 221 9.35 -27.37 4.02
C ALA B 221 9.13 -25.99 4.63
N CYS B 222 8.53 -25.06 3.89
CA CYS B 222 8.27 -23.72 4.39
C CYS B 222 6.84 -23.52 4.84
N GLY B 223 5.99 -24.53 4.73
CA GLY B 223 4.61 -24.38 5.15
C GLY B 223 3.82 -23.44 4.28
N VAL B 224 4.04 -23.47 2.98
CA VAL B 224 3.18 -22.69 2.07
C VAL B 224 1.81 -23.36 2.01
N PRO B 225 0.72 -22.60 1.98
CA PRO B 225 -0.60 -23.23 1.90
C PRO B 225 -0.78 -23.98 0.60
N THR B 226 -1.26 -25.22 0.71
CA THR B 226 -1.58 -25.98 -0.48
C THR B 226 -2.60 -25.23 -1.32
N LYS B 227 -3.62 -24.68 -0.68
CA LYS B 227 -4.60 -23.85 -1.36
C LYS B 227 -4.04 -22.43 -1.46
N GLY B 228 -3.74 -22.00 -2.68
CA GLY B 228 -3.11 -20.72 -2.91
C GLY B 228 -3.75 -19.54 -2.21
N SER B 229 -2.92 -18.62 -1.74
CA SER B 229 -3.40 -17.43 -1.06
C SER B 229 -4.13 -16.52 -2.05
N LEU B 230 -4.93 -15.60 -1.52
CA LEU B 230 -5.56 -14.62 -2.39
C LEU B 230 -4.47 -13.71 -2.94
N LEU B 231 -4.67 -13.26 -4.18
CA LEU B 231 -3.62 -12.55 -4.89
C LEU B 231 -4.11 -11.21 -5.41
N SER B 232 -3.17 -10.26 -5.49
CA SER B 232 -3.41 -8.89 -5.88
C SER B 232 -2.99 -8.66 -7.33
N ASP B 233 -2.98 -7.39 -7.74
CA ASP B 233 -2.56 -7.05 -9.09
C ASP B 233 -1.07 -7.23 -9.29
N SER B 234 -0.29 -7.32 -8.21
CA SER B 234 1.14 -7.57 -8.35
C SER B 234 1.43 -8.97 -8.87
N VAL B 235 0.49 -9.89 -8.72
CA VAL B 235 0.63 -11.26 -9.22
C VAL B 235 -0.16 -11.32 -10.52
N SER B 236 0.50 -11.00 -11.64
CA SER B 236 -0.14 -10.93 -12.94
C SER B 236 -0.05 -12.22 -13.73
N GLY B 237 0.78 -13.17 -13.30
CA GLY B 237 1.03 -14.37 -14.05
C GLY B 237 0.71 -15.64 -13.29
N PRO B 238 1.15 -16.78 -13.82
CA PRO B 238 0.92 -18.05 -13.15
C PRO B 238 1.38 -18.02 -11.71
N SER B 239 0.48 -18.37 -10.79
CA SER B 239 0.74 -18.32 -9.37
C SER B 239 0.56 -19.64 -8.65
N GLN B 240 -0.02 -20.64 -9.30
CA GLN B 240 -0.28 -21.91 -8.62
C GLN B 240 1.03 -22.59 -8.26
N ASN B 241 1.03 -23.27 -7.12
CA ASN B 241 2.25 -23.88 -6.61
C ASN B 241 2.86 -24.81 -7.64
N SER B 242 4.14 -24.57 -7.95
CA SER B 242 4.98 -25.42 -8.78
C SER B 242 4.56 -25.48 -10.23
N ILE B 243 3.64 -24.62 -10.68
CA ILE B 243 3.10 -24.82 -12.01
C ILE B 243 4.15 -24.52 -13.08
N LEU B 244 5.03 -23.55 -12.84
CA LEU B 244 6.10 -23.30 -13.80
C LEU B 244 7.32 -24.18 -13.55
N TRP B 245 7.55 -24.59 -12.31
CA TRP B 245 8.62 -25.54 -12.06
C TRP B 245 8.39 -26.81 -12.85
N ASN B 246 7.16 -27.31 -12.81
CA ASN B 246 6.84 -28.60 -13.44
C ASN B 246 7.21 -28.61 -14.92
N ALA B 247 6.97 -27.51 -15.63
CA ALA B 247 7.07 -27.52 -17.08
C ALA B 247 8.29 -26.81 -17.64
N MET B 248 8.83 -25.80 -16.94
CA MET B 248 9.87 -24.96 -17.48
C MET B 248 11.21 -25.11 -16.79
N ILE B 249 11.27 -25.80 -15.65
CA ILE B 249 12.53 -26.04 -14.94
C ILE B 249 12.80 -27.54 -14.81
N HIS B 250 11.83 -28.29 -14.32
CA HIS B 250 12.05 -29.71 -14.05
C HIS B 250 12.59 -30.48 -15.25
N PRO B 251 12.17 -30.22 -16.49
CA PRO B 251 12.75 -30.96 -17.61
C PRO B 251 14.25 -30.80 -17.75
N LEU B 252 14.81 -29.71 -17.24
CA LEU B 252 16.25 -29.46 -17.32
C LEU B 252 17.02 -30.09 -16.15
N GLN B 253 16.35 -30.76 -15.22
CA GLN B 253 17.04 -31.22 -14.01
C GLN B 253 18.22 -32.14 -14.32
N ASN B 254 18.12 -32.93 -15.39
CA ASN B 254 19.16 -33.90 -15.70
C ASN B 254 20.33 -33.30 -16.46
N MET B 255 20.29 -32.02 -16.80
CA MET B 255 21.39 -31.36 -17.49
C MET B 255 22.43 -30.86 -16.50
N THR B 256 23.68 -30.89 -16.94
CA THR B 256 24.80 -30.48 -16.11
C THR B 256 25.01 -28.98 -16.25
N LEU B 257 25.04 -28.28 -15.12
CA LEU B 257 25.03 -26.83 -15.06
C LEU B 257 26.29 -26.27 -14.42
N LYS B 258 26.61 -25.04 -14.78
CA LYS B 258 27.46 -24.22 -13.93
C LYS B 258 26.64 -23.60 -12.81
N GLY B 259 25.55 -22.92 -13.14
CA GLY B 259 24.81 -22.27 -12.08
C GLY B 259 23.52 -21.63 -12.53
N VAL B 260 22.95 -20.83 -11.63
CA VAL B 260 21.65 -20.21 -11.85
C VAL B 260 21.71 -18.72 -11.60
N LEU B 261 21.01 -17.95 -12.43
CA LEU B 261 20.82 -16.52 -12.30
C LEU B 261 19.33 -16.27 -12.10
N TRP B 262 18.99 -15.40 -11.14
CA TRP B 262 17.62 -15.27 -10.65
C TRP B 262 17.26 -13.80 -10.52
N TYR B 263 16.10 -13.40 -11.08
CA TYR B 263 15.60 -12.04 -10.88
C TYR B 263 14.09 -12.12 -10.63
N GLN B 264 13.75 -12.46 -9.39
CA GLN B 264 12.37 -12.63 -8.99
C GLN B 264 12.16 -12.04 -7.60
N GLY B 265 10.92 -11.66 -7.32
CA GLY B 265 10.55 -11.13 -6.02
C GLY B 265 9.38 -10.17 -6.07
N GLU B 266 9.24 -9.46 -7.18
CA GLU B 266 8.26 -8.38 -7.24
C GLU B 266 6.85 -8.87 -6.92
N SER B 267 6.49 -10.09 -7.34
CA SER B 267 5.13 -10.59 -7.14
C SER B 267 4.92 -11.21 -5.77
N ASN B 268 5.97 -11.38 -4.98
CA ASN B 268 5.86 -11.85 -3.61
C ASN B 268 5.74 -10.69 -2.62
N VAL B 269 5.69 -9.46 -3.11
CA VAL B 269 5.56 -8.30 -2.24
C VAL B 269 4.25 -8.36 -1.46
N ASN B 270 3.20 -8.95 -2.04
CA ASN B 270 1.93 -9.08 -1.35
C ASN B 270 1.34 -10.48 -1.52
N TYR B 271 2.18 -11.46 -1.82
CA TYR B 271 1.78 -12.85 -1.90
C TYR B 271 2.75 -13.66 -1.05
N ASN B 272 2.26 -14.19 0.07
CA ASN B 272 3.10 -14.98 0.98
C ASN B 272 4.39 -14.25 1.28
N LYS B 273 4.28 -12.95 1.54
CA LYS B 273 5.46 -12.12 1.75
C LYS B 273 6.31 -12.64 2.89
N ASP B 274 5.69 -12.83 4.06
CA ASP B 274 6.43 -13.18 5.26
C ASP B 274 7.04 -14.57 5.21
N LEU B 275 6.80 -15.31 4.13
CA LEU B 275 7.44 -16.61 3.93
C LEU B 275 8.64 -16.57 3.00
N TYR B 276 8.90 -15.44 2.32
CA TYR B 276 9.96 -15.43 1.32
C TYR B 276 11.32 -15.76 1.95
N ASN B 277 11.58 -15.24 3.15
CA ASN B 277 12.84 -15.52 3.82
C ASN B 277 13.04 -17.00 4.09
N CYS B 278 11.96 -17.78 4.04
CA CYS B 278 12.06 -19.23 4.01
C CYS B 278 12.08 -19.75 2.58
N THR B 279 11.13 -19.31 1.74
CA THR B 279 10.92 -19.99 0.47
C THR B 279 12.08 -19.79 -0.48
N PHE B 280 12.63 -18.57 -0.52
CA PHE B 280 13.72 -18.31 -1.47
C PHE B 280 14.95 -19.14 -1.14
N PRO B 281 15.49 -19.14 0.09
CA PRO B 281 16.64 -20.01 0.35
C PRO B 281 16.28 -21.47 0.14
N ALA B 282 15.12 -21.91 0.64
CA ALA B 282 14.67 -23.27 0.40
C ALA B 282 14.76 -23.61 -1.08
N LEU B 283 14.08 -22.83 -1.92
CA LEU B 283 14.14 -23.03 -3.36
C LEU B 283 15.57 -23.31 -3.78
N ILE B 284 16.50 -22.43 -3.42
CA ILE B 284 17.89 -22.59 -3.84
C ILE B 284 18.37 -23.99 -3.42
N GLU B 285 18.32 -24.28 -2.13
CA GLU B 285 18.70 -25.60 -1.65
C GLU B 285 18.01 -26.67 -2.47
N ASP B 286 16.70 -26.56 -2.60
CA ASP B 286 15.94 -27.60 -3.31
C ASP B 286 16.51 -27.82 -4.70
N TRP B 287 16.65 -26.75 -5.48
CA TRP B 287 17.17 -26.92 -6.83
C TRP B 287 18.52 -27.60 -6.78
N ARG B 288 19.40 -27.13 -5.88
CA ARG B 288 20.72 -27.73 -5.74
C ARG B 288 20.60 -29.22 -5.51
N GLN B 289 19.73 -29.65 -4.61
CA GLN B 289 19.54 -31.07 -4.39
C GLN B 289 19.10 -31.73 -5.69
N THR B 290 17.99 -31.25 -6.25
CA THR B 290 17.38 -31.92 -7.38
C THR B 290 18.32 -31.99 -8.56
N PHE B 291 18.86 -30.84 -8.99
CA PHE B 291 19.76 -30.82 -10.13
C PHE B 291 21.01 -31.65 -9.86
N HIS B 292 21.44 -31.74 -8.60
CA HIS B 292 22.57 -32.62 -8.32
C HIS B 292 22.18 -34.06 -8.55
N SER B 293 21.01 -34.46 -8.07
CA SER B 293 20.52 -35.81 -8.30
C SER B 293 20.29 -36.06 -9.79
N GLY B 294 19.51 -35.19 -10.43
CA GLY B 294 19.14 -35.41 -11.82
C GLY B 294 20.33 -35.59 -12.72
N SER B 295 21.40 -34.81 -12.51
CA SER B 295 22.57 -34.85 -13.36
C SER B 295 23.56 -35.92 -12.95
N GLN B 296 23.11 -36.93 -12.19
CA GLN B 296 23.99 -38.02 -11.78
C GLN B 296 25.21 -37.47 -11.04
N GLY B 297 24.99 -36.45 -10.22
CA GLY B 297 26.04 -35.86 -9.43
C GLY B 297 26.97 -34.90 -10.16
N GLN B 298 26.71 -34.60 -11.43
CA GLN B 298 27.62 -33.76 -12.19
C GLN B 298 27.47 -32.29 -11.84
N THR B 299 26.24 -31.80 -11.74
CA THR B 299 26.03 -30.43 -11.29
C THR B 299 26.43 -30.35 -9.82
N GLU B 300 27.22 -29.33 -9.48
CA GLU B 300 27.76 -29.23 -8.12
C GLU B 300 26.64 -29.20 -7.09
N ARG B 301 26.79 -30.01 -6.04
CA ARG B 301 25.76 -30.11 -5.02
C ARG B 301 25.39 -28.77 -4.43
N VAL B 302 26.32 -27.81 -4.45
CA VAL B 302 26.03 -26.47 -3.96
C VAL B 302 26.50 -25.47 -5.01
N PHE B 303 25.86 -25.48 -6.18
CA PHE B 303 26.33 -24.67 -7.29
C PHE B 303 26.00 -23.20 -7.05
N PRO B 304 26.67 -22.30 -7.78
CA PRO B 304 26.42 -20.87 -7.58
C PRO B 304 25.03 -20.45 -8.02
N PHE B 305 24.36 -19.73 -7.14
CA PHE B 305 23.02 -19.19 -7.37
C PHE B 305 23.12 -17.69 -7.10
N GLY B 306 23.10 -16.90 -8.17
CA GLY B 306 23.20 -15.45 -8.07
C GLY B 306 21.86 -14.82 -8.40
N PHE B 307 21.46 -13.85 -7.59
CA PHE B 307 20.18 -13.22 -7.76
C PHE B 307 20.29 -11.71 -7.68
N VAL B 308 19.23 -11.05 -8.13
CA VAL B 308 19.15 -9.59 -8.15
C VAL B 308 18.20 -9.17 -7.04
N GLN B 309 18.61 -8.18 -6.26
CA GLN B 309 17.76 -7.60 -5.24
C GLN B 309 16.82 -6.59 -5.87
N LEU B 310 15.58 -6.60 -5.43
CA LEU B 310 14.58 -5.72 -6.03
C LEU B 310 15.11 -4.30 -6.15
N SER B 311 14.73 -3.65 -7.23
CA SER B 311 15.14 -2.29 -7.51
C SER B 311 14.19 -1.32 -6.84
N SER B 312 14.36 -0.04 -7.11
CA SER B 312 13.45 0.98 -6.62
C SER B 312 12.34 1.14 -7.64
N TYR B 313 11.12 0.85 -7.23
CA TYR B 313 9.99 1.01 -8.12
C TYR B 313 8.75 1.25 -7.28
N LEU B 314 7.66 1.53 -7.96
CA LEU B 314 6.36 1.67 -7.32
C LEU B 314 5.59 0.38 -7.54
N SER B 315 5.19 -0.27 -6.46
CA SER B 315 4.39 -1.47 -6.61
C SER B 315 2.94 -1.08 -6.85
N THR B 316 2.12 -2.09 -7.10
CA THR B 316 0.74 -1.83 -7.47
C THR B 316 -0.01 -1.21 -6.29
N ALA B 317 -1.11 -0.51 -6.63
CA ALA B 317 -1.82 0.28 -5.64
C ALA B 317 -2.56 -0.54 -4.60
N ASP B 318 -2.77 -1.83 -4.82
CA ASP B 318 -3.44 -2.66 -3.82
C ASP B 318 -2.46 -3.44 -2.96
N ASP B 319 -1.15 -3.13 -3.05
CA ASP B 319 -0.12 -3.71 -2.20
C ASP B 319 0.34 -2.70 -1.16
N PRO B 320 0.56 -3.10 0.09
CA PRO B 320 1.20 -2.18 1.04
C PRO B 320 2.62 -1.88 0.60
N PRO B 321 2.98 -0.59 0.47
CA PRO B 321 4.33 -0.27 0.00
C PRO B 321 5.43 -0.97 0.78
N VAL B 322 5.24 -1.16 2.08
CA VAL B 322 6.30 -1.71 2.90
C VAL B 322 6.74 -3.07 2.39
N GLY B 323 5.88 -3.78 1.66
CA GLY B 323 6.25 -5.09 1.16
C GLY B 323 7.51 -5.09 0.31
N VAL B 324 7.77 -4.00 -0.43
CA VAL B 324 8.92 -3.98 -1.32
C VAL B 324 10.23 -4.06 -0.54
N PRO B 325 10.50 -3.18 0.42
CA PRO B 325 11.74 -3.35 1.21
C PRO B 325 11.79 -4.67 1.97
N GLN B 326 10.65 -5.12 2.48
CA GLN B 326 10.64 -6.37 3.23
C GLN B 326 11.15 -7.51 2.35
N ILE B 327 10.66 -7.60 1.12
CA ILE B 327 11.17 -8.63 0.23
C ILE B 327 12.66 -8.45 0.02
N ARG B 328 13.12 -7.22 -0.19
CA ARG B 328 14.55 -6.99 -0.35
C ARG B 328 15.30 -7.59 0.82
N TRP B 329 14.72 -7.52 2.01
CA TRP B 329 15.37 -8.08 3.18
C TRP B 329 15.23 -9.60 3.18
N HIS B 330 14.03 -10.10 2.87
CA HIS B 330 13.83 -11.54 2.85
C HIS B 330 14.72 -12.20 1.81
N GLN B 331 15.00 -11.50 0.70
CA GLN B 331 15.87 -12.03 -0.34
C GLN B 331 17.27 -12.37 0.19
N THR B 332 17.67 -11.81 1.33
CA THR B 332 18.97 -12.10 1.92
C THR B 332 18.86 -13.07 3.08
N ALA B 333 17.70 -13.72 3.24
CA ALA B 333 17.41 -14.51 4.44
C ALA B 333 17.51 -13.63 5.68
N ASP B 334 17.07 -12.38 5.55
CA ASP B 334 17.02 -11.43 6.67
C ASP B 334 18.39 -11.19 7.29
N LEU B 335 19.43 -11.17 6.45
CA LEU B 335 20.79 -10.92 6.94
C LEU B 335 21.52 -9.79 6.21
N GLY B 336 21.03 -9.34 5.04
CA GLY B 336 21.56 -8.16 4.38
C GLY B 336 22.69 -8.40 3.40
N PHE B 337 23.28 -9.59 3.36
CA PHE B 337 24.42 -9.85 2.50
C PHE B 337 24.41 -11.33 2.09
N VAL B 338 25.09 -11.62 1.00
CA VAL B 338 25.31 -13.01 0.59
C VAL B 338 26.68 -13.14 -0.04
N PRO B 339 27.28 -14.33 0.09
CA PRO B 339 26.74 -15.54 0.72
C PRO B 339 26.64 -15.42 2.23
N ASN B 340 25.74 -16.18 2.84
CA ASN B 340 25.64 -16.25 4.29
C ASN B 340 25.25 -17.68 4.67
N ARG B 341 24.99 -17.90 5.96
CA ARG B 341 24.81 -19.26 6.45
C ARG B 341 23.58 -19.91 5.84
N ARG B 342 22.51 -19.15 5.65
CA ARG B 342 21.29 -19.72 5.09
C ARG B 342 21.33 -19.81 3.57
N MET B 343 22.22 -19.07 2.93
CA MET B 343 22.32 -19.05 1.47
C MET B 343 23.79 -19.10 1.07
N PRO B 344 24.41 -20.25 1.22
CA PRO B 344 25.83 -20.37 0.84
C PRO B 344 26.03 -20.37 -0.66
N ASN B 345 27.24 -19.96 -1.06
CA ASN B 345 27.64 -19.97 -2.46
C ASN B 345 26.64 -19.22 -3.34
N THR B 346 26.10 -18.12 -2.80
CA THR B 346 25.19 -17.27 -3.54
C THR B 346 25.79 -15.88 -3.66
N PHE B 347 25.43 -15.17 -4.72
CA PHE B 347 25.85 -13.80 -4.91
C PHE B 347 24.63 -12.94 -5.26
N MET B 348 24.74 -11.66 -4.95
CA MET B 348 23.61 -10.74 -5.06
C MET B 348 24.09 -9.51 -5.79
N ALA B 349 23.15 -8.87 -6.48
CA ALA B 349 23.38 -7.59 -7.13
C ALA B 349 22.36 -6.61 -6.57
N VAL B 350 22.83 -5.54 -5.96
CA VAL B 350 21.95 -4.55 -5.37
C VAL B 350 21.46 -3.64 -6.47
N ALA B 351 20.15 -3.41 -6.53
CA ALA B 351 19.57 -2.73 -7.67
C ALA B 351 18.71 -1.53 -7.28
N LEU B 352 18.64 -1.19 -6.01
CA LEU B 352 17.71 -0.14 -5.61
C LEU B 352 18.15 1.25 -6.06
N ASP B 353 19.35 1.40 -6.59
CA ASP B 353 19.78 2.66 -7.18
C ASP B 353 19.74 2.65 -8.71
N LEU B 354 19.15 1.61 -9.31
CA LEU B 354 19.12 1.46 -10.76
C LEU B 354 17.70 1.60 -11.29
N CYS B 355 16.92 2.51 -10.69
CA CYS B 355 15.56 2.75 -11.09
C CYS B 355 15.50 3.41 -12.46
N ASP B 356 14.29 3.74 -12.89
CA ASP B 356 14.06 4.33 -14.21
C ASP B 356 12.72 5.05 -14.14
N ARG B 357 12.77 6.38 -14.06
CA ARG B 357 11.53 7.16 -13.97
C ARG B 357 10.80 7.21 -15.29
N THR B 358 11.53 7.19 -16.40
CA THR B 358 10.97 7.38 -17.73
C THR B 358 10.80 6.09 -18.51
N SER B 359 10.91 4.93 -17.86
CA SER B 359 10.78 3.68 -18.59
C SER B 359 9.40 3.61 -19.22
N PRO B 360 9.30 3.25 -20.50
CA PRO B 360 7.97 3.06 -21.11
C PRO B 360 7.31 1.77 -20.70
N PHE B 361 7.99 0.91 -19.95
CA PHE B 361 7.44 -0.35 -19.50
C PHE B 361 7.10 -0.33 -18.01
N GLY B 362 7.11 0.84 -17.38
CA GLY B 362 6.77 0.95 -15.98
C GLY B 362 8.00 1.01 -15.10
N SER B 363 7.89 1.75 -14.00
CA SER B 363 9.00 1.88 -13.07
C SER B 363 9.55 0.53 -12.69
N ILE B 364 8.71 -0.49 -12.69
CA ILE B 364 9.10 -1.82 -12.28
C ILE B 364 10.05 -2.47 -13.27
N HIS B 365 10.14 -1.93 -14.49
CA HIS B 365 11.00 -2.49 -15.55
C HIS B 365 12.06 -1.45 -15.90
N PRO B 366 13.09 -1.28 -15.07
CA PRO B 366 14.16 -0.33 -15.39
C PRO B 366 14.92 -0.78 -16.61
N ARG B 367 15.38 0.18 -17.39
CA ARG B 367 16.07 -0.12 -18.63
C ARG B 367 17.57 -0.28 -18.47
N ASP B 368 18.14 0.06 -17.31
CA ASP B 368 19.58 -0.17 -17.11
C ASP B 368 19.75 -1.56 -16.53
N LYS B 369 19.80 -2.55 -17.42
CA LYS B 369 20.17 -3.90 -17.04
C LYS B 369 21.67 -4.15 -17.17
N GLN B 370 22.42 -3.21 -17.74
CA GLN B 370 23.87 -3.41 -17.85
C GLN B 370 24.53 -3.37 -16.48
N THR B 371 24.20 -2.37 -15.67
CA THR B 371 24.80 -2.29 -14.35
C THR B 371 24.39 -3.48 -13.50
N VAL B 372 23.15 -3.94 -13.66
CA VAL B 372 22.69 -5.14 -12.97
C VAL B 372 23.56 -6.34 -13.34
N ALA B 373 23.80 -6.50 -14.64
CA ALA B 373 24.63 -7.61 -15.10
C ALA B 373 26.06 -7.47 -14.61
N TYR B 374 26.60 -6.25 -14.61
CA TYR B 374 27.96 -6.03 -14.15
C TYR B 374 28.11 -6.43 -12.68
N ARG B 375 27.16 -6.01 -11.84
CA ARG B 375 27.25 -6.36 -10.42
C ARG B 375 27.03 -7.85 -10.20
N LEU B 376 26.08 -8.44 -10.94
CA LEU B 376 25.94 -9.89 -10.90
C LEU B 376 27.23 -10.58 -11.28
N HIS B 377 27.95 -10.03 -12.24
CA HIS B 377 29.15 -10.68 -12.76
C HIS B 377 30.31 -10.55 -11.80
N LEU B 378 30.40 -9.43 -11.08
CA LEU B 378 31.33 -9.37 -9.96
C LEU B 378 31.02 -10.47 -8.95
N GLY B 379 29.76 -10.56 -8.52
CA GLY B 379 29.39 -11.61 -7.59
C GLY B 379 29.75 -12.99 -8.09
N ALA B 380 29.48 -13.26 -9.36
CA ALA B 380 29.77 -14.57 -9.92
C ALA B 380 31.27 -14.83 -9.93
N ARG B 381 32.05 -13.85 -10.34
CA ARG B 381 33.50 -14.00 -10.36
C ARG B 381 34.01 -14.35 -8.97
N ALA B 382 33.44 -13.73 -7.94
CA ALA B 382 33.94 -13.97 -6.60
C ALA B 382 33.50 -15.32 -6.08
N VAL B 383 32.22 -15.66 -6.21
CA VAL B 383 31.65 -16.84 -5.57
C VAL B 383 31.71 -18.05 -6.48
N ALA B 384 31.26 -17.89 -7.73
CA ALA B 384 31.21 -19.02 -8.64
C ALA B 384 32.60 -19.43 -9.11
N TYR B 385 33.48 -18.45 -9.33
CA TYR B 385 34.82 -18.70 -9.83
C TYR B 385 35.91 -18.35 -8.83
N GLY B 386 35.55 -18.20 -7.56
CA GLY B 386 36.52 -18.06 -6.50
C GLY B 386 37.56 -16.97 -6.71
N GLU B 387 37.24 -15.97 -7.51
CA GLU B 387 38.16 -14.85 -7.67
C GLU B 387 38.33 -14.12 -6.34
N LYS B 388 39.58 -13.89 -5.96
CA LYS B 388 39.91 -13.31 -4.67
C LYS B 388 40.33 -11.85 -4.84
N ASN B 389 40.25 -11.13 -3.72
CA ASN B 389 40.56 -9.70 -3.71
C ASN B 389 39.73 -8.96 -4.75
N LEU B 390 38.47 -9.39 -4.91
CA LEU B 390 37.51 -8.72 -5.78
C LEU B 390 36.30 -8.32 -4.96
N THR B 391 35.99 -7.02 -4.96
CA THR B 391 34.88 -6.50 -4.17
C THR B 391 33.58 -6.73 -4.91
N PHE B 392 32.64 -7.39 -4.23
CA PHE B 392 31.32 -7.66 -4.81
C PHE B 392 30.19 -7.43 -3.82
N GLN B 393 30.48 -6.84 -2.66
CA GLN B 393 29.46 -6.58 -1.65
C GLN B 393 29.46 -5.09 -1.34
N GLY B 394 28.27 -4.56 -1.07
CA GLY B 394 28.14 -3.18 -0.66
C GLY B 394 28.49 -3.03 0.80
N PRO B 395 28.81 -1.80 1.21
CA PRO B 395 29.17 -1.57 2.62
C PRO B 395 27.96 -1.69 3.53
N LEU B 396 28.15 -2.41 4.64
CA LEU B 396 27.16 -2.67 5.66
C LEU B 396 27.77 -2.38 7.03
N PRO B 397 26.96 -1.88 7.97
CA PRO B 397 27.51 -1.61 9.31
C PRO B 397 27.95 -2.89 10.02
N GLU B 398 29.23 -2.94 10.41
CA GLU B 398 29.75 -4.02 11.22
C GLU B 398 29.68 -3.75 12.72
N LYS B 399 29.54 -2.48 13.12
CA LYS B 399 29.39 -2.14 14.53
C LYS B 399 28.44 -0.96 14.66
N ILE B 400 27.52 -1.04 15.61
CA ILE B 400 26.62 0.08 15.91
C ILE B 400 26.78 0.42 17.38
N GLU B 401 27.15 1.66 17.65
CA GLU B 401 27.32 2.16 19.02
C GLU B 401 26.30 3.26 19.27
N LEU B 402 25.76 3.30 20.47
CA LEU B 402 24.71 4.25 20.82
C LEU B 402 25.29 5.27 21.79
N LEU B 403 25.37 6.53 21.36
CA LEU B 403 25.86 7.63 22.19
C LEU B 403 24.65 8.44 22.63
N SER B 404 23.99 7.95 23.69
CA SER B 404 22.73 8.53 24.12
C SER B 404 22.91 9.96 24.61
N THR B 405 24.01 10.23 25.32
CA THR B 405 24.24 11.56 25.85
C THR B 405 24.38 12.59 24.73
N ASP B 406 25.11 12.26 23.67
CA ASP B 406 25.28 13.17 22.55
C ASP B 406 24.06 13.18 21.63
N GLY B 407 23.18 12.21 21.76
CA GLY B 407 22.05 12.05 20.85
C GLY B 407 22.46 11.52 19.49
N LEU B 408 23.32 10.50 19.45
CA LEU B 408 23.90 10.01 18.22
C LEU B 408 23.92 8.49 18.16
N LEU B 409 23.87 7.96 16.93
CA LEU B 409 24.13 6.55 16.64
C LEU B 409 25.35 6.49 15.73
N ASN B 410 26.37 5.75 16.14
CA ASN B 410 27.64 5.67 15.41
C ASN B 410 27.74 4.34 14.69
N LEU B 411 27.72 4.38 13.36
CA LEU B 411 27.72 3.18 12.52
C LEU B 411 29.10 3.02 11.93
N THR B 412 29.77 1.94 12.27
CA THR B 412 31.08 1.60 11.74
C THR B 412 30.88 0.52 10.68
N TYR B 413 31.20 0.87 9.43
CA TYR B 413 31.01 -0.02 8.29
C TYR B 413 32.23 -0.89 8.08
N HIS B 414 32.00 -2.13 7.63
CA HIS B 414 33.09 -3.06 7.35
C HIS B 414 33.95 -2.58 6.19
N GLN B 415 33.49 -1.58 5.45
CA GLN B 415 34.13 -1.09 4.25
C GLN B 415 34.28 0.42 4.36
N SER B 416 35.21 0.98 3.58
CA SER B 416 35.27 2.41 3.45
C SER B 416 34.00 2.90 2.74
N ILE B 417 33.48 4.04 3.17
CA ILE B 417 32.21 4.54 2.63
C ILE B 417 32.44 5.91 2.01
N GLN B 418 31.63 6.20 1.00
CA GLN B 418 31.60 7.48 0.30
C GLN B 418 30.21 8.06 0.46
N VAL B 419 30.13 9.26 1.02
CA VAL B 419 28.85 9.89 1.32
C VAL B 419 28.60 10.99 0.30
N LEU B 420 27.61 10.77 -0.57
CA LEU B 420 27.30 11.77 -1.59
C LEU B 420 26.63 12.99 -0.96
N ARG B 421 25.60 12.75 -0.17
CA ARG B 421 24.84 13.83 0.41
C ARG B 421 24.38 13.44 1.81
N GLN B 422 23.95 14.44 2.56
CA GLN B 422 23.40 14.24 3.90
C GLN B 422 21.91 14.01 3.75
N ASP B 423 21.50 12.75 3.77
CA ASP B 423 20.09 12.39 3.65
C ASP B 423 19.44 12.34 5.02
N LEU B 424 18.30 13.01 5.14
CA LEU B 424 17.65 13.17 6.44
C LEU B 424 16.71 12.02 6.79
N GLN B 425 16.16 11.32 5.79
CA GLN B 425 15.11 10.35 6.06
C GLN B 425 15.45 8.92 5.65
N ILE B 426 16.56 8.68 4.93
CA ILE B 426 16.80 7.33 4.46
C ILE B 426 17.06 6.39 5.63
N PHE B 427 17.70 6.88 6.68
CA PHE B 427 17.84 6.11 7.90
C PHE B 427 16.64 6.32 8.82
N GLU B 428 16.34 5.29 9.60
CA GLU B 428 15.20 5.32 10.51
C GLU B 428 15.58 4.58 11.78
N ILE B 429 15.02 5.02 12.90
CA ILE B 429 15.25 4.41 14.20
C ILE B 429 13.91 4.05 14.81
N SER B 430 13.89 2.97 15.59
CA SER B 430 12.71 2.54 16.31
C SER B 430 12.80 3.10 17.73
N CYS B 431 11.96 4.10 18.01
CA CYS B 431 11.87 4.73 19.32
C CYS B 431 10.84 3.96 20.13
N CYS B 432 11.30 3.23 21.14
CA CYS B 432 10.45 2.42 22.00
C CYS B 432 10.42 3.03 23.39
N SER B 433 9.23 3.12 23.97
CA SER B 433 9.04 3.78 25.26
C SER B 433 7.85 3.13 25.95
N ASP B 434 8.14 2.26 26.93
CA ASP B 434 7.13 1.62 27.76
C ASP B 434 6.01 1.03 26.90
N ARG B 435 6.38 -0.04 26.19
CA ARG B 435 5.42 -0.82 25.42
C ARG B 435 4.76 0.00 24.32
N GLN B 436 5.56 0.84 23.65
CA GLN B 436 5.11 1.58 22.48
C GLN B 436 6.33 1.84 21.62
N CYS B 437 6.33 1.32 20.40
CA CYS B 437 7.44 1.54 19.47
C CYS B 437 6.94 2.27 18.24
N LYS B 438 7.82 3.06 17.65
CA LYS B 438 7.46 3.85 16.48
C LYS B 438 8.73 4.16 15.70
N TRP B 439 8.64 4.10 14.37
CA TRP B 439 9.80 4.41 13.54
C TRP B 439 9.84 5.89 13.25
N LEU B 440 11.02 6.49 13.37
CA LEU B 440 11.23 7.91 13.18
C LEU B 440 12.50 8.13 12.36
N PRO B 441 12.56 9.22 11.60
CA PRO B 441 13.76 9.45 10.79
C PRO B 441 14.96 9.78 11.67
N ALA B 442 16.13 9.33 11.23
CA ALA B 442 17.40 9.63 11.88
C ALA B 442 18.30 10.30 10.85
N PRO B 443 18.35 11.63 10.82
CA PRO B 443 19.17 12.30 9.80
C PRO B 443 20.63 11.97 9.96
N MET B 444 21.30 11.85 8.81
CA MET B 444 22.75 11.66 8.81
C MET B 444 23.40 12.93 9.36
N ASN B 445 24.44 12.74 10.17
CA ASN B 445 25.01 13.87 10.89
C ASN B 445 26.44 14.14 10.47
N THR B 446 27.39 13.34 10.94
CA THR B 446 28.80 13.54 10.65
C THR B 446 29.40 12.17 10.34
N PHE B 447 30.42 12.15 9.48
CA PHE B 447 30.98 10.89 9.01
C PHE B 447 32.48 10.99 8.84
N THR B 448 33.12 9.81 8.88
CA THR B 448 34.53 9.65 8.58
C THR B 448 34.65 8.71 7.39
N SER B 449 35.86 8.19 7.16
CA SER B 449 36.07 7.31 6.02
C SER B 449 35.31 6.00 6.17
N GLN B 450 35.21 5.48 7.39
CA GLN B 450 34.55 4.20 7.63
C GLN B 450 33.38 4.27 8.58
N THR B 451 32.98 5.44 9.05
CA THR B 451 31.87 5.48 10.00
C THR B 451 31.05 6.75 9.83
N LEU B 452 29.80 6.66 10.28
CA LEU B 452 28.77 7.66 10.05
C LEU B 452 27.87 7.76 11.27
N THR B 453 27.52 8.98 11.67
CA THR B 453 26.64 9.21 12.81
C THR B 453 25.26 9.66 12.36
N LEU B 454 24.24 9.18 13.06
CA LEU B 454 22.85 9.55 12.82
C LEU B 454 22.30 10.28 14.03
N SER B 455 21.46 11.27 13.82
CA SER B 455 20.89 12.08 14.89
C SER B 455 19.63 11.41 15.42
N ILE B 456 19.73 10.81 16.60
CA ILE B 456 18.59 10.19 17.26
C ILE B 456 17.95 11.14 18.26
N ARG B 457 18.28 12.44 18.19
CA ARG B 457 17.74 13.39 19.14
C ARG B 457 16.23 13.37 19.15
N SER B 458 15.61 12.98 18.04
CA SER B 458 14.16 12.97 17.93
C SER B 458 13.50 11.87 18.73
N CYS B 459 14.27 11.01 19.40
CA CYS B 459 13.72 9.87 20.12
C CYS B 459 13.71 10.19 21.61
N ARG B 460 12.52 10.17 22.21
CA ARG B 460 12.36 10.45 23.64
C ARG B 460 12.40 9.19 24.48
N GLY B 461 12.45 8.01 23.87
CA GLY B 461 12.54 6.75 24.59
C GLY B 461 13.86 6.07 24.34
N THR B 462 13.84 4.76 24.05
CA THR B 462 15.04 3.99 23.76
C THR B 462 15.10 3.65 22.28
N VAL B 463 16.32 3.55 21.76
CA VAL B 463 16.57 3.21 20.36
C VAL B 463 16.73 1.70 20.29
N ALA B 464 15.67 1.02 19.84
CA ALA B 464 15.71 -0.45 19.78
C ALA B 464 16.38 -0.94 18.50
N ALA B 465 16.11 -0.27 17.37
CA ALA B 465 16.63 -0.74 16.10
C ALA B 465 16.86 0.46 15.18
N VAL B 466 17.60 0.21 14.12
CA VAL B 466 17.82 1.19 13.06
C VAL B 466 17.79 0.45 11.73
N ARG B 467 17.15 1.06 10.74
CA ARG B 467 17.10 0.49 9.40
C ARG B 467 17.47 1.56 8.39
N TYR B 468 17.87 1.09 7.21
CA TYR B 468 18.37 1.95 6.14
C TYR B 468 17.71 1.55 4.84
N ALA B 469 17.06 2.54 4.20
CA ALA B 469 16.47 2.44 2.86
C ALA B 469 15.25 1.55 2.84
N TRP B 470 14.42 1.65 3.87
CA TRP B 470 13.22 0.82 3.99
C TRP B 470 12.03 1.47 3.29
N THR B 471 12.20 1.71 2.00
CA THR B 471 11.18 2.31 1.16
C THR B 471 11.05 1.49 -0.11
N PRO B 472 9.89 1.55 -0.77
CA PRO B 472 9.84 1.06 -2.16
C PRO B 472 10.78 1.83 -3.07
N TRP B 473 10.86 3.15 -2.92
CA TRP B 473 11.73 3.99 -3.73
C TRP B 473 12.68 4.78 -2.84
N PRO B 474 13.75 4.16 -2.38
CA PRO B 474 14.69 4.85 -1.48
C PRO B 474 15.65 5.81 -2.17
N CYS B 475 16.10 5.51 -3.38
CA CYS B 475 17.07 6.36 -4.06
C CYS B 475 16.66 6.63 -5.50
N GLU B 476 17.19 7.72 -6.03
CA GLU B 476 17.13 8.05 -7.45
C GLU B 476 18.33 7.43 -8.16
N TYR B 477 18.26 7.41 -9.49
CA TYR B 477 19.21 6.64 -10.28
C TYR B 477 20.64 7.00 -9.96
N LYS B 478 21.34 6.08 -9.29
CA LYS B 478 22.74 6.27 -8.89
C LYS B 478 22.91 7.56 -8.09
N GLN B 479 21.86 7.95 -7.38
CA GLN B 479 21.91 9.04 -6.42
C GLN B 479 21.48 8.49 -5.06
N CYS B 480 22.01 7.33 -4.67
CA CYS B 480 21.91 6.88 -3.28
C CYS B 480 22.90 7.67 -2.44
N PRO B 481 22.70 7.75 -1.14
CA PRO B 481 23.58 8.56 -0.30
C PRO B 481 24.92 7.90 0.02
N LEU B 482 24.99 6.57 -0.02
CA LEU B 482 26.15 5.84 0.45
C LEU B 482 26.61 4.81 -0.56
N TYR B 483 27.92 4.81 -0.84
CA TYR B 483 28.56 3.89 -1.77
C TYR B 483 29.94 3.55 -1.25
N HIS B 484 30.42 2.36 -1.58
CA HIS B 484 31.85 2.08 -1.43
C HIS B 484 32.59 2.84 -2.51
N PRO B 485 33.61 3.61 -2.18
CA PRO B 485 34.23 4.45 -3.21
C PRO B 485 34.94 3.64 -4.30
N SER B 486 35.77 2.67 -3.89
CA SER B 486 36.59 1.96 -4.87
C SER B 486 35.74 1.13 -5.83
N SER B 487 34.73 0.42 -5.31
CA SER B 487 33.94 -0.52 -6.10
C SER B 487 32.71 0.10 -6.73
N ALA B 488 32.31 1.30 -6.30
CA ALA B 488 31.12 1.98 -6.82
C ALA B 488 29.84 1.18 -6.58
N LEU B 489 29.81 0.41 -5.50
CA LEU B 489 28.64 -0.40 -5.19
C LEU B 489 27.81 0.27 -4.11
N PRO B 490 26.48 0.21 -4.18
CA PRO B 490 25.66 0.89 -3.17
C PRO B 490 25.63 0.13 -1.86
N ALA B 491 25.45 0.89 -0.79
CA ALA B 491 25.24 0.30 0.51
C ALA B 491 23.88 -0.39 0.52
N PRO B 492 23.80 -1.68 0.82
CA PRO B 492 22.51 -2.38 0.74
C PRO B 492 21.57 -1.94 1.85
N PRO B 493 20.27 -2.16 1.68
CA PRO B 493 19.33 -1.84 2.77
C PRO B 493 19.58 -2.77 3.95
N PHE B 494 19.15 -2.34 5.13
CA PHE B 494 19.35 -3.23 6.26
C PHE B 494 18.43 -2.88 7.40
N LEU B 495 18.25 -3.85 8.29
CA LEU B 495 17.57 -3.65 9.56
C LEU B 495 18.41 -4.31 10.63
N ALA B 496 18.83 -3.53 11.63
CA ALA B 496 19.66 -4.02 12.71
C ALA B 496 19.03 -3.66 14.03
N PHE B 497 19.14 -4.56 15.00
CA PHE B 497 18.63 -4.32 16.34
C PHE B 497 19.75 -3.89 17.27
N ILE B 498 19.39 -3.09 18.27
CA ILE B 498 20.33 -2.61 19.28
C ILE B 498 20.21 -3.50 20.51
N THR B 499 21.34 -4.01 20.99
CA THR B 499 21.33 -4.94 22.11
C THR B 499 22.11 -4.41 23.31
C1 NAG C . -39.16 24.89 49.40
C2 NAG C . -39.60 26.09 50.20
C3 NAG C . -41.11 26.10 50.35
C4 NAG C . -41.75 26.05 48.96
C5 NAG C . -41.15 24.94 48.08
C6 NAG C . -41.56 25.02 46.62
C7 NAG C . -38.84 25.26 52.44
C8 NAG C . -39.54 23.96 52.18
N2 NAG C . -38.92 26.21 51.49
O3 NAG C . -41.50 27.29 51.02
O4 NAG C . -43.15 25.84 49.07
O5 NAG C . -39.71 24.97 48.11
O6 NAG C . -41.93 26.32 46.20
O7 NAG C . -38.22 25.46 53.48
H2 NAG C . -39.34 26.90 49.70
H3 NAG C . -41.40 25.33 50.87
H4 NAG C . -41.57 26.90 48.52
H5 NAG C . -41.45 24.08 48.46
H61 NAG C . -42.32 24.42 46.49
H62 NAG C . -40.81 24.72 46.08
H81 NAG C . -39.38 23.34 52.92
H82 NAG C . -39.22 23.57 51.35
H83 NAG C . -40.51 24.12 52.11
HN2 NAG C . -38.52 27.00 51.68
HO3 NAG C . -42.38 27.28 51.16
C1 NAG C . -43.71 27.07 48.60
C2 NAG C . -45.23 26.93 48.43
C3 NAG C . -45.83 28.27 48.03
C4 NAG C . -45.39 29.37 48.98
C5 NAG C . -43.87 29.38 49.14
C6 NAG C . -43.39 30.36 50.18
C7 NAG C . -45.55 24.60 47.72
C8 NAG C . -45.90 23.69 46.58
N2 NAG C . -45.55 25.91 47.44
O3 NAG C . -47.25 28.18 48.02
O4 NAG C . -45.76 30.64 48.47
O5 NAG C . -43.42 28.09 49.56
O6 NAG C . -43.64 31.70 49.77
O7 NAG C . -45.27 24.17 48.84
H2 NAG C . -45.61 26.67 49.29
H3 NAG C . -45.52 28.49 47.13
H4 NAG C . -45.81 29.21 49.85
H5 NAG C . -43.46 29.60 48.27
H61 NAG C . -42.42 30.24 50.30
H62 NAG C . -43.84 30.20 51.02
H81 NAG C . -45.96 22.77 46.90
H82 NAG C . -45.20 23.75 45.89
H83 NAG C . -46.75 23.97 46.20
HN2 NAG C . -45.76 26.18 46.60
HO3 NAG C . -47.58 28.71 47.40
HO6 NAG C . -44.51 31.85 49.79
C1 BMA C . -47.07 30.97 48.97
C2 BMA C . -47.26 32.45 48.66
C3 BMA C . -48.65 32.86 49.06
C4 BMA C . -49.71 31.95 48.43
C5 BMA C . -49.42 30.46 48.75
C6 BMA C . -50.34 29.48 48.03
O2 BMA C . -47.13 32.70 47.28
O3 BMA C . -48.87 34.21 48.69
O4 BMA C . -50.99 32.30 48.93
O5 BMA C . -48.07 30.18 48.33
O6 BMA C . -50.03 29.49 46.64
H2 BMA C . -46.50 33.03 49.23
H3 BMA C . -48.78 32.81 50.15
H4 BMA C . -49.65 32.06 47.34
H5 BMA C . -49.52 30.31 49.83
H61 BMA C . -51.38 29.78 48.22
H62 BMA C . -50.19 28.48 48.47
HO2 BMA C . -47.52 33.58 47.12
HO4 BMA C . -51.61 32.12 48.21
C1 MAN C . -48.78 35.04 49.86
C2 MAN C . -49.37 36.40 49.45
C3 MAN C . -48.44 37.04 48.40
C4 MAN C . -47.01 37.19 48.97
C5 MAN C . -46.49 35.80 49.41
C6 MAN C . -45.12 35.86 50.11
O2 MAN C . -49.42 37.30 50.56
O3 MAN C . -48.93 38.28 47.93
O4 MAN C . -46.14 37.75 47.99
O5 MAN C . -47.44 35.17 50.33
O6 MAN C . -45.00 37.11 50.78
H2 MAN C . -50.38 36.27 49.04
H3 MAN C . -48.39 36.38 47.52
H4 MAN C . -47.06 37.83 49.87
H5 MAN C . -46.38 35.18 48.51
H61 MAN C . -44.33 35.73 49.34
H62 MAN C . -45.05 35.01 50.81
HO2 MAN C . -48.77 37.04 51.22
HO3 MAN C . -48.14 38.82 47.73
HO4 MAN C . -45.42 38.15 48.50
HO6 MAN C . -44.13 37.14 51.21
C1 FUC C . -40.78 27.21 46.02
C2 FUC C . -40.26 27.18 44.49
C3 FUC C . -40.66 28.35 43.64
C4 FUC C . -40.45 29.63 44.39
C5 FUC C . -41.39 29.65 45.59
C6 FUC C . -41.28 30.94 46.40
O2 FUC C . -40.64 25.99 43.81
O3 FUC C . -39.83 28.37 42.50
O4 FUC C . -39.11 29.72 44.81
O5 FUC C . -41.13 28.55 46.51
H2 FUC C . -39.17 27.22 44.61
H3 FUC C . -41.73 28.27 43.37
H4 FUC C . -40.70 30.50 43.74
H5 FUC C . -42.41 29.52 45.20
H61 FUC C . -42.01 30.94 47.21
H62 FUC C . -41.46 31.80 45.76
H63 FUC C . -40.27 31.03 46.83
HO2 FUC C . -40.28 26.08 42.90
HO3 FUC C . -40.14 29.13 41.97
HO4 FUC C . -38.60 29.28 44.12
C1 NAG D . -32.38 9.58 27.87
C2 NAG D . -33.28 9.28 29.09
C3 NAG D . -33.38 7.77 29.31
C4 NAG D . -33.80 7.07 28.02
C5 NAG D . -32.90 7.50 26.86
C6 NAG D . -33.35 6.96 25.53
C7 NAG D . -31.66 9.94 30.88
C8 NAG D . -30.61 9.10 30.21
N2 NAG D . -32.87 9.98 30.30
O3 NAG D . -34.34 7.51 30.32
O4 NAG D . -33.69 5.66 28.16
O5 NAG D . -32.89 8.93 26.74
O6 NAG D . -34.70 7.33 25.27
O7 NAG D . -31.43 10.58 31.91
H2 NAG D . -34.17 9.62 28.86
H3 NAG D . -32.51 7.44 29.59
H4 NAG D . -34.72 7.32 27.82
H5 NAG D . -31.99 7.19 27.04
H61 NAG D . -33.28 5.99 25.53
H62 NAG D . -32.79 7.32 24.82
H81 NAG D . -29.75 9.24 30.66
H82 NAG D . -30.52 9.37 29.28
H83 NAG D . -30.86 8.16 30.26
HN2 NAG D . -33.52 10.48 30.71
HO3 NAG D . -34.14 6.74 30.73
HO6 NAG D . -34.91 7.15 24.44
C1 NAG D . -34.94 5.12 28.61
C2 NAG D . -35.17 3.76 27.96
C3 NAG D . -36.42 3.09 28.52
C4 NAG D . -36.43 3.10 30.05
C5 NAG D . -36.12 4.49 30.58
C6 NAG D . -35.92 4.52 32.08
C7 NAG D . -34.37 3.41 25.66
C8 NAG D . -34.66 3.64 24.21
N2 NAG D . -35.27 3.90 26.51
O3 NAG D . -36.48 1.75 28.05
O4 NAG D . -37.71 2.70 30.49
O5 NAG D . -34.89 4.98 30.01
O6 NAG D . -36.09 5.83 32.60
O7 NAG D . -33.37 2.80 26.04
H2 NAG D . -34.40 3.20 28.17
H3 NAG D . -37.19 3.60 28.21
H4 NAG D . -35.74 2.48 30.38
H5 NAG D . -36.85 5.09 30.34
H61 NAG D . -35.02 4.21 32.29
H62 NAG D . -36.58 3.93 32.50
H81 NAG D . -33.95 3.22 23.67
H82 NAG D . -34.68 4.59 24.03
H83 NAG D . -35.52 3.24 23.98
HN2 NAG D . -35.98 4.35 26.18
HO3 NAG D . -37.16 1.33 28.41
HO6 NAG D . -35.95 5.82 33.47
C1 BMA D . -37.60 1.69 31.51
C2 BMA D . -39.01 1.41 32.07
C3 BMA D . -38.85 0.45 33.23
C4 BMA D . -38.20 -0.85 32.72
C5 BMA D . -36.83 -0.51 32.09
C6 BMA D . -36.12 -1.71 31.50
O2 BMA D . -39.81 0.76 31.09
O3 BMA D . -40.05 0.20 33.92
O4 BMA D . -38.01 -1.75 33.80
O5 BMA D . -37.04 0.46 31.02
O6 BMA D . -37.03 -2.41 30.68
H2 BMA D . -39.50 2.35 32.37
H3 BMA D . -38.21 0.89 34.00
H4 BMA D . -38.83 -1.30 31.94
H5 BMA D . -36.17 -0.07 32.86
H61 BMA D . -35.76 -2.34 32.34
H62 BMA D . -35.24 -1.36 30.94
HO2 BMA D . -39.20 0.45 30.41
HO4 BMA D . -37.98 -2.63 33.39
C1 MAN D . -39.92 0.79 35.24
C2 MAN D . -40.15 -0.31 36.28
C3 MAN D . -41.63 -0.77 36.17
C4 MAN D . -42.59 0.43 36.28
C5 MAN D . -42.23 1.49 35.24
C6 MAN D . -43.06 2.76 35.39
O2 MAN D . -39.94 0.18 37.63
O3 MAN D . -41.95 -1.77 37.11
O4 MAN D . -43.94 0.00 36.07
O5 MAN D . -40.85 1.86 35.40
O6 MAN D . -42.29 3.83 34.88
H2 MAN D . -39.49 -1.16 36.13
H3 MAN D . -41.77 -1.23 35.18
H4 MAN D . -42.46 0.87 37.28
H5 MAN D . -42.39 1.09 34.24
H61 MAN D . -43.31 2.89 36.45
H62 MAN D . -43.99 2.62 34.81
HO2 MAN D . -40.53 -0.31 38.24
HO3 MAN D . -42.85 -2.06 36.87
HO4 MAN D . -44.49 0.72 36.42
HO6 MAN D . -41.40 3.51 34.70
C1 NAG E . -19.51 -1.71 -0.50
C2 NAG E . -20.63 -2.40 -1.26
C3 NAG E . -20.22 -3.83 -1.59
C4 NAG E . -18.85 -3.90 -2.23
C5 NAG E . -17.83 -3.07 -1.47
C6 NAG E . -16.50 -2.93 -2.19
C7 NAG E . -22.81 -1.47 -0.66
C8 NAG E . -24.00 -1.60 0.23
N2 NAG E . -21.85 -2.38 -0.49
O3 NAG E . -21.19 -4.39 -2.47
O4 NAG E . -18.39 -5.24 -2.23
O5 NAG E . -18.32 -1.75 -1.26
O6 NAG E . -16.50 -1.85 -3.12
O7 NAG E . -22.71 -0.57 -1.49
H2 NAG E . -20.77 -1.93 -2.10
H3 NAG E . -20.19 -4.35 -0.76
H4 NAG E . -18.92 -3.55 -3.14
H5 NAG E . -17.67 -3.49 -0.60
H61 NAG E . -16.31 -3.76 -2.67
H62 NAG E . -15.80 -2.77 -1.53
H81 NAG E . -24.62 -0.85 0.07
H82 NAG E . -23.73 -1.60 1.17
H83 NAG E . -24.46 -2.44 0.03
HN2 NAG E . -21.98 -3.03 0.13
HO3 NAG E . -20.78 -4.78 -3.16
HO6 NAG E . -17.13 -1.26 -2.89
C1 NAG E . -18.30 -5.70 -3.57
C2 NAG E . -17.58 -7.02 -3.53
C3 NAG E . -17.49 -7.61 -4.93
C4 NAG E . -18.87 -7.70 -5.55
C5 NAG E . -19.61 -6.36 -5.46
C6 NAG E . -21.06 -6.47 -5.86
C7 NAG E . -15.87 -7.47 -1.82
C8 NAG E . -14.46 -7.21 -1.37
N2 NAG E . -16.25 -6.86 -2.95
O3 NAG E . -16.91 -8.91 -4.84
O4 NAG E . -18.74 -8.06 -6.93
O5 NAG E . -19.60 -5.88 -4.10
O6 NAG E . -21.80 -7.20 -4.89
O7 NAG E . -16.63 -8.20 -1.18
H2 NAG E . -18.08 -7.63 -2.97
H3 NAG E . -16.93 -7.04 -5.48
H4 NAG E . -19.39 -8.38 -5.07
H5 NAG E . -19.15 -5.72 -6.04
H61 NAG E . -21.13 -6.93 -6.72
H62 NAG E . -21.44 -5.58 -5.94
H81 NAG E . -14.31 -7.64 -0.51
H82 NAG E . -14.33 -6.24 -1.28
H83 NAG E . -13.84 -7.55 -2.04
HN2 NAG E . -15.64 -6.34 -3.38
HO3 NAG E . -16.77 -9.23 -5.66
HO6 NAG E . -21.33 -7.25 -4.13
C1 BMA E . -19.15 -9.43 -7.10
C2 BMA E . -19.67 -9.53 -8.54
C3 BMA E . -20.06 -10.98 -8.80
C4 BMA E . -18.89 -11.94 -8.48
C5 BMA E . -18.45 -11.73 -7.03
C6 BMA E . -17.26 -12.63 -6.66
O2 BMA E . -18.66 -9.16 -9.48
O3 BMA E . -20.49 -11.15 -10.15
O4 BMA E . -19.29 -13.29 -8.65
O5 BMA E . -18.07 -10.35 -6.87
O6 BMA E . -16.47 -11.96 -5.69
H2 BMA E . -20.55 -8.87 -8.68
H3 BMA E . -20.91 -11.27 -8.17
H4 BMA E . -18.06 -11.68 -9.15
H5 BMA E . -19.27 -11.96 -6.33
H61 BMA E . -16.69 -12.83 -7.58
H62 BMA E . -17.66 -13.58 -6.27
HO2 BMA E . -18.78 -9.74 -10.24
HO4 BMA E . -20.00 -13.26 -9.30
C1 MAN E . -21.90 -11.44 -10.13
C2 MAN E . -22.26 -12.11 -11.50
C3 MAN E . -22.36 -11.04 -12.59
C4 MAN E . -23.32 -9.94 -12.18
C5 MAN E . -22.82 -9.27 -10.89
C6 MAN E . -23.79 -8.21 -10.35
O2 MAN E . -23.52 -12.77 -11.45
O3 MAN E . -22.77 -11.62 -13.83
O4 MAN E . -23.42 -8.97 -13.22
O5 MAN E . -22.66 -10.26 -9.84
O6 MAN E . -23.38 -7.84 -9.03
H2 MAN E . -21.46 -12.82 -11.76
H3 MAN E . -21.38 -10.60 -12.76
H4 MAN E . -24.31 -10.38 -11.96
H5 MAN E . -21.85 -8.80 -11.11
H61 MAN E . -24.81 -8.64 -10.34
H62 MAN E . -23.78 -7.35 -11.03
HO2 MAN E . -23.82 -12.96 -12.35
HO3 MAN E . -23.32 -10.94 -14.25
HO4 MAN E . -24.33 -8.62 -13.16
HO6 MAN E . -22.97 -8.60 -8.62
C1 MAN E . -15.41 -12.84 -5.23
C2 MAN E . -15.33 -12.72 -3.69
C3 MAN E . -14.80 -11.34 -3.28
C4 MAN E . -13.51 -10.95 -4.10
C5 MAN E . -13.74 -11.14 -5.63
C6 MAN E . -12.46 -10.88 -6.47
O2 MAN E . -14.43 -13.67 -3.10
O3 MAN E . -14.56 -11.27 -1.87
O4 MAN E . -13.17 -9.60 -3.85
O5 MAN E . -14.18 -12.50 -5.86
O6 MAN E . -12.74 -11.17 -7.84
H2 MAN E . -16.35 -12.87 -3.28
H3 MAN E . -15.55 -10.58 -3.52
H4 MAN E . -12.72 -11.67 -3.79
H5 MAN E . -14.50 -10.44 -5.97
H61 MAN E . -11.66 -11.53 -6.09
H62 MAN E . -12.17 -9.84 -6.33
HO2 MAN E . -14.07 -13.30 -2.29
HO3 MAN E . -14.24 -10.36 -1.70
HO4 MAN E . -12.26 -9.51 -4.17
HO6 MAN E . -13.50 -11.78 -7.87
C1 NAG F . -20.56 15.49 -26.21
C2 NAG F . -19.77 16.53 -27.03
C3 NAG F . -20.67 17.75 -27.29
C4 NAG F . -22.04 17.34 -27.81
C5 NAG F . -22.66 16.20 -27.00
C6 NAG F . -23.88 15.61 -27.65
C7 NAG F . -17.47 17.37 -26.97
C8 NAG F . -16.33 17.81 -26.10
N2 NAG F . -18.57 16.95 -26.34
O3 NAG F . -20.03 18.61 -28.23
O4 NAG F . -22.92 18.45 -27.68
O5 NAG F . -21.71 15.14 -26.89
O6 NAG F . -25.07 16.15 -27.08
O7 NAG F . -17.38 17.37 -28.20
H2 NAG F . -19.53 16.11 -27.88
H3 NAG F . -20.79 18.22 -26.45
H4 NAG F . -21.95 17.06 -28.73
H5 NAG F . -22.88 16.53 -26.11
H61 NAG F . -23.87 14.64 -27.52
H62 NAG F . -23.86 15.80 -28.61
H81 NAG F . -15.49 17.64 -26.55
H82 NAG F . -16.37 17.33 -25.26
H83 NAG F . -16.41 18.78 -25.93
HN2 NAG F . -18.56 16.94 -25.43
HO3 NAG F . -20.65 18.98 -28.76
HO6 NAG F . -25.77 15.74 -27.45
C1 NAG F . -23.46 18.63 -28.98
C2 NAG F . -24.62 19.62 -28.91
C3 NAG F . -25.19 19.86 -30.30
C4 NAG F . -24.08 20.30 -31.24
C5 NAG F . -22.89 19.33 -31.19
C6 NAG F . -21.68 19.85 -31.96
C7 NAG F . -25.71 19.52 -26.71
C8 NAG F . -26.84 18.95 -25.92
N2 NAG F . -25.65 19.15 -28.00
O3 NAG F . -26.20 20.86 -30.22
O4 NAG F . -24.57 20.35 -32.58
O5 NAG F . -22.46 19.15 -29.83
O6 NAG F . -21.14 21.00 -31.33
O7 NAG F . -24.89 20.29 -26.23
H2 NAG F . -24.27 20.47 -28.57
H3 NAG F . -25.58 19.03 -30.63
H4 NAG F . -23.77 21.18 -30.96
H5 NAG F . -23.16 18.46 -31.56
H61 NAG F . -21.96 20.07 -32.86
H62 NAG F . -21.00 19.14 -31.98
H81 NAG F . -26.82 19.31 -25.01
H82 NAG F . -26.75 17.97 -25.88
H83 NAG F . -27.69 19.18 -26.34
HN2 NAG F . -26.29 18.58 -28.32
HO3 NAG F . -26.59 20.95 -31.02
HO6 NAG F . -21.35 21.01 -30.47
C1 BMA F . -24.63 21.75 -32.89
C2 BMA F . -24.76 21.89 -34.40
C3 BMA F . -24.88 23.38 -34.72
C4 BMA F . -26.02 24.05 -33.90
C5 BMA F . -25.84 23.75 -32.38
C6 BMA F . -27.00 24.23 -31.51
O2 BMA F . -25.94 21.25 -34.85
O3 BMA F . -25.06 23.61 -36.11
O4 BMA F . -26.01 25.44 -34.11
O5 BMA F . -25.74 22.33 -32.22
O6 BMA F . -27.70 25.26 -32.20
H2 BMA F . -23.89 21.45 -34.91
H3 BMA F . -23.95 23.90 -34.47
H4 BMA F . -26.97 23.59 -34.21
H5 BMA F . -24.92 24.26 -32.04
H61 BMA F . -26.59 24.58 -30.55
H62 BMA F . -27.66 23.36 -31.32
HO2 BMA F . -26.18 21.68 -35.69
HO4 BMA F . -26.84 25.76 -33.73
C1 MAN F . -23.83 24.06 -36.71
C2 MAN F . -24.18 24.63 -38.11
C3 MAN F . -24.62 23.48 -39.03
C4 MAN F . -23.56 22.36 -39.05
C5 MAN F . -23.27 21.88 -37.61
C6 MAN F . -22.15 20.85 -37.54
O2 MAN F . -23.04 25.22 -38.74
O3 MAN F . -24.92 23.93 -40.34
O4 MAN F . -24.03 21.27 -39.83
O5 MAN F . -22.87 23.02 -36.80
O6 MAN F . -21.95 20.48 -36.17
H2 MAN F . -24.98 25.37 -38.02
H3 MAN F . -25.56 23.06 -38.64
H4 MAN F . -22.63 22.79 -39.46
H5 MAN F . -24.18 21.43 -37.20
H61 MAN F . -21.24 21.29 -37.97
H62 MAN F . -22.44 19.97 -38.14
HO2 MAN F . -23.13 25.14 -39.69
HO3 MAN F . -25.22 23.14 -40.82
HO4 MAN F . -23.23 20.80 -40.11
HO6 MAN F . -21.73 21.29 -35.68
C1 NAG G . 24.57 -51.34 -36.80
C2 NAG G . 25.43 -51.79 -37.95
C3 NAG G . 26.29 -52.97 -37.53
C4 NAG G . 27.12 -52.58 -36.32
C5 NAG G . 26.26 -51.95 -35.21
C6 NAG G . 27.07 -51.31 -34.11
C7 NAG G . 23.61 -52.90 -39.28
C8 NAG G . 23.19 -53.64 -38.04
N2 NAG G . 24.67 -52.08 -39.16
O3 NAG G . 27.16 -53.31 -38.62
O4 NAG G . 27.77 -53.73 -35.78
O5 NAG G . 25.41 -50.92 -35.74
O6 NAG G . 28.38 -50.90 -34.49
O7 NAG G . 23.03 -53.04 -40.35
H2 NAG G . 26.03 -51.05 -38.18
H3 NAG G . 25.74 -53.74 -37.32
H4 NAG G . 27.78 -51.91 -36.60
H5 NAG G . 25.70 -52.66 -34.84
H61 NAG G . 27.15 -51.94 -33.37
H62 NAG G . 26.58 -50.52 -33.79
H81 NAG G . 22.38 -54.17 -38.23
H82 NAG G . 22.99 -53.01 -37.32
H83 NAG G . 23.90 -54.24 -37.75
HN2 NAG G . 24.93 -51.65 -39.93
HO3 NAG G . 27.63 -54.03 -38.41
C1 NAG G . 29.16 -53.46 -36.03
C2 NAG G . 30.04 -54.49 -35.30
C3 NAG G . 31.50 -54.26 -35.65
C4 NAG G . 31.70 -54.21 -37.16
C5 NAG G . 30.73 -53.20 -37.80
C6 NAG G . 30.78 -53.20 -39.30
C7 NAG G . 28.81 -55.00 -33.24
C8 NAG G . 28.76 -54.81 -31.75
N2 NAG G . 29.83 -54.42 -33.87
O3 NAG G . 32.29 -55.31 -35.10
O4 NAG G . 33.01 -53.77 -37.45
O5 NAG G . 29.40 -53.53 -37.43
O6 NAG G . 32.04 -52.74 -39.77
O7 NAG G . 27.95 -55.64 -33.85
H2 NAG G . 29.79 -55.38 -35.61
H3 NAG G . 31.79 -53.42 -35.26
H4 NAG G . 31.53 -55.09 -37.53
H5 NAG G . 30.95 -52.31 -37.47
H61 NAG G . 30.08 -52.62 -39.64
H62 NAG G . 30.64 -54.11 -39.62
H81 NAG G . 28.02 -55.34 -31.38
H82 NAG G . 28.62 -53.87 -31.54
H83 NAG G . 29.60 -55.11 -31.36
HN2 NAG G . 30.43 -53.96 -33.37
HO3 NAG G . 33.08 -55.00 -34.87
HO6 NAG G . 32.67 -53.32 -39.55
C1 BMA G . 33.87 -54.91 -37.54
C2 BMA G . 35.15 -54.41 -38.20
C3 BMA G . 36.16 -55.52 -38.26
C4 BMA G . 36.36 -56.17 -36.87
C5 BMA G . 35.00 -56.61 -36.27
C6 BMA G . 35.10 -57.13 -34.83
O2 BMA G . 35.73 -53.37 -37.40
O3 BMA G . 37.39 -55.05 -38.76
O4 BMA G . 37.21 -57.30 -36.99
O5 BMA G . 34.12 -55.47 -36.26
O6 BMA G . 35.41 -56.04 -33.97
H2 BMA G . 34.93 -54.04 -39.21
H3 BMA G . 35.82 -56.31 -38.94
H4 BMA G . 36.78 -55.41 -36.19
H5 BMA G . 34.58 -57.42 -36.89
H61 BMA G . 35.89 -57.90 -34.80
H62 BMA G . 34.14 -57.60 -34.57
HO2 BMA G . 36.64 -53.28 -37.71
HO4 BMA G . 37.69 -57.35 -36.15
C1 MAN G . 37.53 -55.45 -40.12
C2 MAN G . 39.00 -55.20 -40.48
C3 MAN G . 39.26 -53.69 -40.45
C4 MAN G . 38.32 -52.97 -41.43
C5 MAN G . 36.84 -53.28 -41.06
C6 MAN G . 35.82 -52.71 -42.04
O2 MAN G . 39.31 -55.66 -41.80
O3 MAN G . 40.62 -53.36 -40.71
O4 MAN G . 38.52 -51.56 -41.38
O5 MAN G . 36.65 -54.74 -41.00
O6 MAN G . 36.43 -52.64 -43.34
H2 MAN G . 39.65 -55.71 -39.77
H3 MAN G . 39.06 -53.31 -39.44
H4 MAN G . 38.49 -53.35 -42.45
H5 MAN G . 36.64 -52.85 -40.07
H61 MAN G . 35.52 -51.71 -41.69
H62 MAN G . 34.93 -53.35 -42.04
HO2 MAN G . 38.50 -55.67 -42.33
HO3 MAN G . 40.59 -52.51 -41.20
HO4 MAN G . 38.22 -51.23 -42.24
HO6 MAN G . 35.76 -52.29 -43.96
C1 FUC G . 28.39 -49.69 -35.30
C2 FUC G . 28.57 -48.38 -34.38
C3 FUC G . 29.96 -47.79 -34.36
C4 FUC G . 30.50 -47.71 -35.76
C5 FUC G . 30.66 -49.11 -36.29
C6 FUC G . 31.25 -49.14 -37.71
O2 FUC G . 28.16 -48.58 -33.04
O3 FUC G . 29.88 -46.45 -33.86
O4 FUC G . 29.62 -46.98 -36.58
O5 FUC G . 29.40 -49.83 -36.36
H2 FUC G . 27.91 -47.65 -34.86
H3 FUC G . 30.63 -48.41 -33.76
H4 FUC G . 31.49 -47.22 -35.74
H5 FUC G . 31.31 -49.66 -35.59
H61 FUC G . 31.41 -50.18 -38.02
H62 FUC G . 32.20 -48.62 -37.73
H63 FUC G . 30.56 -48.66 -38.41
HO2 FUC G . 28.34 -47.74 -32.57
HO3 FUC G . 30.78 -46.12 -33.86
HO4 FUC G . 29.22 -46.31 -36.01
C1 NAG H . 16.85 -37.74 -14.44
C2 NAG H . 16.77 -39.24 -14.80
C3 NAG H . 15.66 -39.91 -13.99
C4 NAG H . 15.85 -39.62 -12.51
C5 NAG H . 16.02 -38.13 -12.27
C6 NAG H . 16.36 -37.80 -10.84
C7 NAG H . 15.67 -38.98 -17.04
C8 NAG H . 14.66 -38.05 -16.42
N2 NAG H . 16.61 -39.48 -16.23
O3 NAG H . 15.70 -41.32 -14.22
O4 NAG H . 14.72 -40.07 -11.77
O5 NAG H . 17.08 -37.60 -13.07
O6 NAG H . 17.53 -38.51 -10.44
O7 NAG H . 15.64 -39.26 -18.24
H2 NAG H . 17.62 -39.63 -14.54
H3 NAG H . 14.80 -39.56 -14.28
H4 NAG H . 16.65 -40.09 -12.20
H5 NAG H . 15.19 -37.68 -12.51
H61 NAG H . 15.62 -38.05 -10.26
H62 NAG H . 16.52 -36.84 -10.75
H81 NAG H . 14.08 -37.69 -17.12
H82 NAG H . 15.12 -37.33 -15.96
H83 NAG H . 14.11 -38.56 -15.79
HN2 NAG H . 17.23 -40.04 -16.61
HO3 NAG H . 14.89 -41.65 -14.09
HO6 NAG H . 17.82 -38.18 -9.66
C1 NAG H . 14.92 -41.42 -11.32
C2 NAG H . 14.31 -41.59 -9.93
C3 NAG H . 14.39 -43.04 -9.49
C4 NAG H . 13.87 -44.00 -10.55
C5 NAG H . 14.50 -43.68 -11.91
C6 NAG H . 13.89 -44.47 -13.04
C7 NAG H . 14.36 -39.70 -8.36
C8 NAG H . 15.20 -38.92 -7.39
N2 NAG H . 14.96 -40.72 -8.97
O3 NAG H . 13.64 -43.21 -8.29
O4 NAG H . 14.21 -45.33 -10.17
O5 NAG H . 14.31 -42.30 -12.22
O6 NAG H . 14.76 -44.52 -14.16
O7 NAG H . 13.19 -39.41 -8.58
H2 NAG H . 13.36 -41.35 -9.99
H3 NAG H . 15.34 -43.25 -9.31
H4 NAG H . 12.91 -43.90 -10.64
H5 NAG H . 15.46 -43.87 -11.87
H61 NAG H . 13.05 -44.04 -13.31
H62 NAG H . 13.71 -45.37 -12.74
H81 NAG H . 14.67 -38.21 -6.99
H82 NAG H . 15.96 -38.53 -7.85
H83 NAG H . 15.52 -39.52 -6.69
HN2 NAG H . 15.84 -40.88 -8.77
HO3 NAG H . 13.61 -44.06 -8.06
HO6 NAG H . 14.37 -44.96 -14.83
C1 BMA H . 13.06 -46.18 -10.31
C2 BMA H . 13.52 -47.64 -10.04
C3 BMA H . 12.32 -48.53 -10.31
C4 BMA H . 11.17 -48.13 -9.38
C5 BMA H . 10.82 -46.65 -9.61
C6 BMA H . 9.73 -46.15 -8.70
O2 BMA H . 13.88 -47.81 -8.68
O3 BMA H . 12.62 -49.91 -10.23
O4 BMA H . 10.04 -48.95 -9.64
O5 BMA H . 12.01 -45.85 -9.39
O6 BMA H . 10.05 -46.50 -7.36
H2 BMA H . 14.38 -47.90 -10.67
H3 BMA H . 12.00 -48.41 -11.36
H4 BMA H . 11.50 -48.26 -8.34
H5 BMA H . 10.48 -46.52 -10.65
H61 BMA H . 8.77 -46.60 -9.02
H62 BMA H . 9.65 -45.06 -8.82
HO2 BMA H . 13.52 -47.04 -8.20
HO4 BMA H . 9.53 -48.95 -8.82
C1 MAN H . 12.52 -50.44 -11.57
C2 MAN H . 11.50 -51.61 -11.54
C3 MAN H . 12.11 -52.73 -10.66
C4 MAN H . 13.51 -53.13 -11.15
C5 MAN H . 14.42 -51.90 -11.22
C6 MAN H . 15.78 -52.19 -11.81
O2 MAN H . 11.26 -52.14 -12.87
O3 MAN H . 11.26 -53.87 -10.57
O4 MAN H . 14.08 -54.09 -10.28
O5 MAN H . 13.79 -50.89 -12.03
O6 MAN H . 16.27 -51.01 -12.39
H2 MAN H . 10.54 -51.29 -11.13
H3 MAN H . 12.20 -52.34 -9.63
H4 MAN H . 13.40 -53.53 -12.18
H5 MAN H . 14.57 -51.51 -10.20
H61 MAN H . 15.66 -52.99 -12.56
H62 MAN H . 16.45 -52.57 -11.02
HO2 MAN H . 11.06 -53.08 -12.80
HO3 MAN H . 11.70 -54.45 -9.91
HO4 MAN H . 14.81 -54.48 -10.78
HO6 MAN H . 15.57 -50.35 -12.38
C1 NAG I . 10.69 -14.25 8.12
C2 NAG I . 11.12 -14.80 9.47
C3 NAG I . 9.95 -14.75 10.44
C4 NAG I . 9.31 -13.37 10.47
C5 NAG I . 9.03 -12.86 9.06
C6 NAG I . 8.59 -11.41 9.05
C7 NAG I . 12.91 -16.46 9.22
C8 NAG I . 13.23 -17.92 9.08
N2 NAG I . 11.62 -16.16 9.33
O3 NAG I . 10.44 -15.07 11.75
O4 NAG I . 8.05 -13.46 11.13
O5 NAG I . 10.22 -12.93 8.27
O6 NAG I . 9.71 -10.52 9.07
O7 NAG I . 13.79 -15.60 9.22
H2 NAG I . 11.84 -14.24 9.82
H3 NAG I . 9.28 -15.40 10.17
H4 NAG I . 9.92 -12.77 10.93
H5 NAG I . 8.33 -13.41 8.67
H61 NAG I . 8.03 -11.23 9.82
H62 NAG I . 8.07 -11.25 8.23
H81 NAG I . 14.19 -18.04 8.94
H82 NAG I . 12.75 -18.29 8.32
H83 NAG I . 12.96 -18.38 9.89
HN2 NAG I . 11.01 -16.84 9.33
HO3 NAG I . 10.13 -14.46 12.33
HO6 NAG I . 10.41 -10.92 8.70
C1 NAG I . 8.14 -12.70 12.34
C2 NAG I . 6.73 -12.60 12.88
C3 NAG I . 6.74 -11.84 14.20
C4 NAG I . 7.71 -12.49 15.18
C5 NAG I . 9.09 -12.69 14.53
C6 NAG I . 10.01 -13.52 15.38
C7 NAG I . 4.81 -12.58 11.36
C8 NAG I . 3.99 -11.77 10.40
N2 NAG I . 5.84 -11.95 11.93
O3 NAG I . 5.42 -11.84 14.75
O4 NAG I . 7.86 -11.65 16.31
O5 NAG I . 8.96 -13.37 13.28
O6 NAG I . 9.62 -14.89 15.38
O7 NAG I . 4.54 -13.75 11.61
H2 NAG I . 6.40 -13.50 13.05
H3 NAG I . 7.02 -10.92 14.04
H4 NAG I . 7.37 -13.36 15.44
H5 NAG I . 9.48 -11.81 14.37
H61 NAG I . 10.00 -13.19 16.30
H62 NAG I . 10.92 -13.45 15.03
H81 NAG I . 3.29 -12.32 10.02
H82 NAG I . 4.57 -11.43 9.68
H83 NAG I . 3.60 -11.02 10.87
HN2 NAG I . 6.01 -11.08 11.71
HO3 NAG I . 5.40 -11.36 15.48
HO6 NAG I . 9.03 -15.04 14.73
C1 BMA I . 7.18 -12.25 17.43
C2 BMA I . 7.90 -11.77 18.69
C3 BMA I . 7.19 -12.32 19.91
C4 BMA I . 5.69 -11.97 19.88
C5 BMA I . 5.06 -12.49 18.57
C6 BMA I . 3.58 -12.13 18.46
O2 BMA I . 7.86 -10.35 18.78
O3 BMA I . 7.78 -11.85 21.11
O4 BMA I . 5.02 -12.57 20.97
O5 BMA I . 5.78 -11.89 17.47
O6 BMA I . 3.26 -11.96 17.09
H2 BMA I . 8.95 -12.10 18.67
H3 BMA I . 7.26 -13.41 19.93
H4 BMA I . 5.59 -10.87 19.90
H5 BMA I . 5.16 -13.58 18.51
H61 BMA I . 3.41 -11.22 19.04
H62 BMA I . 2.99 -12.95 18.92
HO2 BMA I . 7.79 -10.13 19.72
HO4 BMA I . 5.69 -12.67 21.66
C1 MAN I . 8.41 -12.99 21.76
C2 MAN I . 8.62 -12.59 23.25
C3 MAN I . 9.83 -11.67 23.41
C4 MAN I . 11.06 -12.29 22.76
C5 MAN I . 10.80 -12.51 21.26
C6 MAN I . 11.96 -13.22 20.56
O2 MAN I . 8.89 -13.74 24.07
O3 MAN I . 10.09 -11.38 24.77
O4 MAN I . 12.18 -11.41 22.93
O5 MAN I . 9.63 -13.35 21.08
O6 MAN I . 11.52 -13.62 19.25
H2 MAN I . 7.72 -12.07 23.62
H3 MAN I . 9.62 -10.71 22.91
H4 MAN I . 11.25 -13.27 23.22
H5 MAN I . 10.63 -11.53 20.79
H61 MAN I . 12.26 -14.08 21.17
H62 MAN I . 12.81 -12.53 20.50
HO2 MAN I . 9.25 -13.44 24.91
HO3 MAN I . 11.05 -11.28 24.84
HO4 MAN I . 12.95 -11.99 22.96
HO6 MAN I . 10.58 -13.82 19.30
C1 MAN I . 1.83 -11.76 16.95
C2 MAN I . 1.35 -12.64 15.76
C3 MAN I . 1.88 -12.08 14.44
C4 MAN I . 1.66 -10.54 14.34
C5 MAN I . 2.19 -9.80 15.59
C6 MAN I . 1.89 -8.28 15.59
O2 MAN I . -0.08 -12.64 15.64
O3 MAN I . 1.30 -12.77 13.31
O4 MAN I . 2.35 -10.03 13.20
O5 MAN I . 1.56 -10.39 16.76
O6 MAN I . 2.34 -7.71 16.83
H2 MAN I . 1.71 -13.66 15.92
H3 MAN I . 2.96 -12.25 14.38
H4 MAN I . 0.57 -10.37 14.29
H5 MAN I . 3.28 -9.92 15.66
H61 MAN I . 0.81 -8.14 15.45
H62 MAN I . 2.42 -7.84 14.74
HO2 MAN I . -0.32 -12.79 14.72
HO3 MAN I . 1.69 -12.36 12.53
HO4 MAN I . 1.98 -9.15 13.05
HO6 MAN I . 2.34 -8.42 17.49
C1 NAG J . 32.53 6.23 15.83
C2 NAG J . 33.08 7.63 15.52
C3 NAG J . 34.59 7.54 15.26
C4 NAG J . 35.30 6.74 16.35
C5 NAG J . 34.59 5.44 16.67
C6 NAG J . 35.11 4.78 17.92
C7 NAG J . 32.27 9.53 14.18
C8 NAG J . 31.60 9.95 12.90
N2 NAG J . 32.43 8.21 14.36
O3 NAG J . 35.14 8.86 15.17
O4 NAG J . 36.59 6.38 15.86
O5 NAG J . 33.20 5.70 16.93
O6 NAG J . 36.02 3.74 17.60
O7 NAG J . 32.62 10.35 15.02
H2 NAG J . 32.92 8.20 16.30
H3 NAG J . 34.72 7.09 14.41
H4 NAG J . 35.34 7.30 17.14
H5 NAG J . 34.67 4.84 15.92
H61 NAG J . 34.37 4.40 18.42
H62 NAG J . 35.57 5.44 18.47
H81 NAG J . 31.12 10.78 13.04
H82 NAG J . 30.99 9.25 12.61
H83 NAG J . 32.29 10.08 12.22
HN2 NAG J . 32.10 7.65 13.72
HO3 NAG J . 35.97 8.85 15.49
HO6 NAG J . 36.28 3.33 18.35
C1 NAG J . 37.49 6.84 16.86
C2 NAG J . 38.87 6.27 16.59
C3 NAG J . 39.87 6.80 17.60
C4 NAG J . 39.84 8.32 17.61
C5 NAG J . 38.41 8.84 17.77
C6 NAG J . 38.31 10.34 17.57
C7 NAG J . 38.71 4.08 15.47
C8 NAG J . 38.69 2.60 15.66
N2 NAG J . 38.84 4.81 16.59
O3 NAG J . 41.16 6.33 17.29
O4 NAG J . 40.63 8.81 18.68
O5 NAG J . 37.55 8.26 16.79
O6 NAG J . 38.59 10.70 16.23
O7 NAG J . 38.60 4.61 14.38
H2 NAG J . 39.16 6.55 15.69
H3 NAG J . 39.63 6.46 18.49
H4 NAG J . 40.19 8.64 16.76
H5 NAG J . 38.08 8.61 18.67
H61 NAG J . 38.96 10.78 18.17
H62 NAG J . 37.42 10.64 17.81
H81 NAG J . 38.64 2.16 14.78
H82 NAG J . 37.93 2.34 16.20
H83 NAG J . 39.52 2.32 16.11
HN2 NAG J . 38.92 4.39 17.39
HO3 NAG J . 41.74 6.57 17.92
HO6 NAG J . 38.44 10.01 15.70
C1 BMA J . 41.78 9.38 18.06
C2 BMA J . 42.49 10.28 19.08
C3 BMA J . 43.75 10.84 18.41
C4 BMA J . 44.63 9.71 17.82
C5 BMA J . 43.79 8.81 16.88
C6 BMA J . 44.53 7.58 16.38
O2 BMA J . 42.90 9.51 20.20
O3 BMA J . 44.49 11.65 19.31
O4 BMA J . 45.71 10.27 17.10
O5 BMA J . 42.66 8.34 17.61
O6 BMA J . 45.92 7.82 16.45
H2 BMA J . 41.82 11.08 19.41
H3 BMA J . 43.46 11.51 17.59
H4 BMA J . 44.98 9.08 18.65
H5 BMA J . 43.49 9.41 16.01
H61 BMA J . 44.21 7.38 15.34
H62 BMA J . 44.23 6.72 17.00
HO2 BMA J . 43.63 9.99 20.61
HO4 BMA J . 46.30 9.54 16.91
C1 MAN J . 44.29 13.05 19.03
C2 MAN J . 45.38 13.84 19.79
C3 MAN J . 45.14 13.73 21.30
C4 MAN J . 43.70 14.17 21.65
C5 MAN J . 42.69 13.34 20.84
C6 MAN J . 41.23 13.79 21.05
O2 MAN J . 45.33 15.24 19.48
O3 MAN J . 46.09 14.48 22.06
O4 MAN J . 43.46 13.99 23.03
O5 MAN J . 42.99 13.48 19.42
O6 MAN J . 40.39 12.97 20.24
H2 MAN J . 46.37 13.43 19.54
H3 MAN J . 45.26 12.69 21.61
H4 MAN J . 43.58 15.23 21.36
H5 MAN J . 42.77 12.29 21.14
H61 MAN J . 41.15 14.85 20.77
H62 MAN J . 40.99 13.68 22.12
HO2 MAN J . 45.66 15.74 20.22
HO3 MAN J . 45.87 14.32 22.99
HO4 MAN J . 42.74 14.59 23.26
HO6 MAN J . 40.66 13.07 19.32
#